data_8DWH
#
_entry.id   8DWH
#
_cell.length_a   1.00
_cell.length_b   1.00
_cell.length_c   1.00
_cell.angle_alpha   90.00
_cell.angle_beta   90.00
_cell.angle_gamma   90.00
#
_symmetry.space_group_name_H-M   'P 1'
#
loop_
_entity.id
_entity.type
_entity.pdbx_description
1 polymer 'Gs-mini-Gq chimera'
2 polymer 'Guanine nucleotide-binding protein G(I)/G(S)/G(T) subunit beta-1'
3 polymer 'Guanine nucleotide-binding protein G(I)/G(S)/G(O) subunit gamma-2'
4 polymer 'Mas-related G-protein coupled receptor member X1'
5 non-polymer N-{2-[(1-aminoisoquinolin-6-yl)oxy]-4-methylphenyl}-2-methoxybenzene-1-sulfonamide
#
loop_
_entity_poly.entity_id
_entity_poly.type
_entity_poly.pdbx_seq_one_letter_code
_entity_poly.pdbx_strand_id
1 'polypeptide(L)'
;MGSTVSAEDKAAAERSKMIDKNLREDGEKARRTLRLLLLGADNSGKSTIVKQMRILHGGSGGSGGTSGIFETKFQVDKVN
FHMFDVGGQRDERRKWIQCFNDVTAIIFVVDSSDYNRLQEALNDFKSIWNNRWLRTISVILFLNKQDLLAEKVLAGKSKI
EDYFPEFARYTTPEDATPEPGEDPRVTRAKYFIRKEFVDISTASGDGRHICYPHFTCAVDTENARRIFNDCKDIILQMNL
REYNLV
;
B
2 'polypeptide(L)'
;GPGSSGSELDQLRQEAEQLKNQIRDARKACADATLSQITNNIDPVGRIQMRTRRTLRGHLAKIYAMHWGTDSRLLVSASQ
DGKLIIWDSYTTNKVHAIPLRSSWVMTCAYAPSGNYVACGGLDNICSIYNLKTREGNVRVSRELAGHTGYLSCCRFLDDN
QIVTSSGDTTCALWDIETGQQTTTFTGHTGDVMSLSLAPDTRLFVSGACDASAKLWDVREGMCRQTFTGHESDINAICFF
PNGNAFATGSDDATCRLFDLRADQELMTYSHDNIICGITSVSFSKSGRLLLAGYDDFNCNVWDALKADRAGVLAGHDNRV
SCLGVTDDGMAVATGSWDSFLKIWN
;
C
3 'polypeptide(L)' MASNNTASIAQARKLVEQLKMEANIDRIKVSKAAADLMAYCEAHAKEDPLLTPVPASENPFREKKFFCAIL D
4 'polypeptide(L)'
;GPDPTISTLDTELTPINGTEETLCYKQTLSLTVLTCIVSLVGLTGNAVVLWLLGCRMRRNAFSIYILNLAAADFLFLSGR
LIYSLLSFISIPHTISKILYPVMMFSYFAGLSFLSAVSTERCLSVLWPIWYRCHRPTHLSAVVCVLLWALSLLRSILEWM
LCGFLFSGADSAWCQTSDFITVAWLIFLCVVLCGSSLVLLIRILCGSRKIPLTRLYVTILLTVLVFLLCGLPFGIQFFLF
LWIHVDREVLFCHVHLVSIFLSALNSSANPIIYFFVGSFRQRQNRQNLKLVLQRALQDASEVDEGGGQLPEEILELSGSR
LEQ
;
R
#
loop_
_chem_comp.id
_chem_comp.type
_chem_comp.name
_chem_comp.formula
U2U non-polymer N-{2-[(1-aminoisoquinolin-6-yl)oxy]-4-methylphenyl}-2-methoxybenzene-1-sulfonamide 'C23 H21 N3 O4 S'
#
# COMPACT_ATOMS: atom_id res chain seq x y z
N VAL A 5 36.30 2.21 -6.88
CA VAL A 5 35.52 3.40 -7.18
C VAL A 5 36.45 4.56 -7.53
N SER A 6 35.92 5.53 -8.27
CA SER A 6 36.67 6.70 -8.70
C SER A 6 36.53 7.81 -7.67
N ALA A 7 36.99 9.01 -8.03
CA ALA A 7 36.97 10.14 -7.11
C ALA A 7 35.63 10.86 -7.10
N GLU A 8 35.06 11.11 -8.28
CA GLU A 8 33.76 11.76 -8.34
C GLU A 8 32.65 10.80 -7.94
N ASP A 9 32.84 9.50 -8.15
CA ASP A 9 31.83 8.52 -7.75
C ASP A 9 31.64 8.52 -6.24
N LYS A 10 32.74 8.58 -5.48
CA LYS A 10 32.62 8.70 -4.03
C LYS A 10 31.97 10.02 -3.63
N ALA A 11 32.16 11.05 -4.44
CA ALA A 11 31.47 12.31 -4.19
C ALA A 11 29.99 12.23 -4.56
N ALA A 12 29.65 11.40 -5.53
CA ALA A 12 28.24 11.14 -5.81
C ALA A 12 27.64 10.22 -4.76
N ALA A 13 28.45 9.32 -4.20
CA ALA A 13 27.98 8.47 -3.11
C ALA A 13 27.64 9.29 -1.88
N GLU A 14 28.46 10.28 -1.56
CA GLU A 14 28.19 11.13 -0.40
C GLU A 14 26.98 12.02 -0.63
N ARG A 15 26.74 12.46 -1.86
CA ARG A 15 25.56 13.25 -2.15
C ARG A 15 24.29 12.45 -1.91
N SER A 16 24.31 11.17 -2.27
CA SER A 16 23.16 10.31 -2.00
C SER A 16 22.96 10.12 -0.50
N LYS A 17 24.04 9.92 0.25
CA LYS A 17 23.92 9.64 1.67
C LYS A 17 23.33 10.82 2.43
N MET A 18 23.73 12.05 2.07
CA MET A 18 23.17 13.23 2.70
C MET A 18 21.68 13.37 2.39
N ILE A 19 21.29 13.08 1.14
CA ILE A 19 19.88 13.11 0.77
C ILE A 19 19.10 12.07 1.56
N ASP A 20 19.71 10.89 1.77
CA ASP A 20 19.08 9.89 2.62
C ASP A 20 18.82 10.41 4.01
N LYS A 21 19.74 11.23 4.53
CA LYS A 21 19.58 11.76 5.89
C LYS A 21 18.38 12.69 5.97
N ASN A 22 18.26 13.62 5.02
CA ASN A 22 17.11 14.53 5.00
C ASN A 22 15.81 13.79 4.74
N LEU A 23 15.84 12.75 3.91
CA LEU A 23 14.64 11.96 3.67
C LEU A 23 14.17 11.27 4.95
N ARG A 24 15.10 10.68 5.70
CA ARG A 24 14.73 9.97 6.91
C ARG A 24 14.37 10.92 8.05
N GLU A 25 14.99 12.09 8.11
CA GLU A 25 14.66 13.04 9.16
C GLU A 25 13.30 13.69 8.91
N ASP A 26 12.98 13.98 7.65
CA ASP A 26 11.69 14.59 7.34
C ASP A 26 10.55 13.62 7.55
N GLY A 27 10.81 12.32 7.37
CA GLY A 27 9.78 11.33 7.62
C GLY A 27 9.34 11.29 9.07
N GLU A 28 10.25 11.60 10.00
CA GLU A 28 9.90 11.59 11.42
C GLU A 28 8.86 12.64 11.73
N LYS A 29 9.00 13.83 11.14
CA LYS A 29 8.01 14.88 11.37
C LYS A 29 6.64 14.50 10.80
N ALA A 30 6.63 13.65 9.77
CA ALA A 30 5.36 13.21 9.21
C ALA A 30 4.64 12.23 10.14
N ARG A 31 5.40 11.36 10.81
CA ARG A 31 4.81 10.37 11.70
C ARG A 31 4.16 10.97 12.93
N ARG A 32 4.46 12.23 13.25
CA ARG A 32 3.90 12.90 14.41
C ARG A 32 2.69 13.75 14.08
N THR A 33 2.25 13.75 12.83
CA THR A 33 1.09 14.49 12.39
C THR A 33 0.08 13.52 11.80
N LEU A 34 -1.18 13.64 12.20
CA LEU A 34 -2.25 12.78 11.72
C LEU A 34 -3.01 13.47 10.62
N ARG A 35 -3.18 12.80 9.49
CA ARG A 35 -3.88 13.35 8.34
C ARG A 35 -5.34 12.94 8.35
N LEU A 36 -6.21 13.87 7.96
CA LEU A 36 -7.64 13.65 7.91
C LEU A 36 -8.15 14.08 6.54
N LEU A 37 -9.46 14.00 6.35
CA LEU A 37 -10.09 14.38 5.09
C LEU A 37 -11.52 14.79 5.36
N LEU A 38 -11.91 15.95 4.85
CA LEU A 38 -13.24 16.51 5.06
C LEU A 38 -14.11 16.21 3.85
N LEU A 39 -15.34 15.76 4.10
CA LEU A 39 -16.30 15.50 3.05
C LEU A 39 -17.67 16.02 3.48
N GLY A 40 -18.47 16.38 2.50
CA GLY A 40 -19.81 16.86 2.76
C GLY A 40 -20.31 17.71 1.63
N ALA A 41 -21.65 17.81 1.55
CA ALA A 41 -22.28 18.59 0.50
C ALA A 41 -22.20 20.08 0.84
N ASP A 42 -22.80 20.90 -0.01
CA ASP A 42 -22.86 22.33 0.24
C ASP A 42 -23.83 22.62 1.39
N ASN A 43 -23.71 23.81 1.95
CA ASN A 43 -24.49 24.27 3.13
C ASN A 43 -24.54 23.22 4.23
N SER A 44 -23.50 22.39 4.32
CA SER A 44 -23.36 21.41 5.38
C SER A 44 -22.49 21.90 6.52
N GLY A 45 -22.11 23.18 6.52
CA GLY A 45 -21.21 23.67 7.55
C GLY A 45 -19.85 23.03 7.50
N LYS A 46 -19.36 22.73 6.30
CA LYS A 46 -18.12 21.96 6.17
C LYS A 46 -16.93 22.73 6.71
N SER A 47 -16.84 24.02 6.39
CA SER A 47 -15.66 24.81 6.69
C SER A 47 -15.68 25.46 8.08
N THR A 48 -16.75 25.25 8.85
CA THR A 48 -16.93 25.91 10.14
C THR A 48 -17.14 24.89 11.25
N ILE A 49 -16.27 23.88 11.30
CA ILE A 49 -16.34 22.89 12.36
C ILE A 49 -15.30 23.18 13.43
N VAL A 50 -14.03 23.15 13.05
CA VAL A 50 -12.94 23.38 14.01
C VAL A 50 -12.69 24.88 14.03
N LYS A 51 -13.49 25.57 14.82
CA LYS A 51 -13.43 27.03 14.93
C LYS A 51 -14.26 27.51 16.10
N GLY A 68 -7.69 23.81 -5.35
CA GLY A 68 -8.27 22.54 -4.98
C GLY A 68 -8.15 22.23 -3.51
N ILE A 69 -6.98 21.76 -3.09
CA ILE A 69 -6.73 21.47 -1.69
C ILE A 69 -6.70 22.77 -0.89
N PHE A 70 -7.41 22.79 0.23
CA PHE A 70 -7.42 23.93 1.15
C PHE A 70 -7.09 23.36 2.53
N GLU A 71 -5.80 23.29 2.85
CA GLU A 71 -5.35 22.59 4.04
C GLU A 71 -5.72 23.34 5.31
N THR A 72 -5.82 22.59 6.40
CA THR A 72 -6.13 23.13 7.71
C THR A 72 -5.29 22.40 8.75
N LYS A 73 -4.70 23.15 9.66
CA LYS A 73 -3.81 22.60 10.68
C LYS A 73 -4.29 23.00 12.07
N PHE A 74 -4.26 22.04 13.00
CA PHE A 74 -4.56 22.33 14.39
C PHE A 74 -4.03 21.19 15.24
N GLN A 75 -3.88 21.45 16.53
CA GLN A 75 -3.38 20.46 17.47
C GLN A 75 -4.21 20.49 18.74
N VAL A 76 -4.59 19.30 19.22
CA VAL A 76 -5.31 19.16 20.48
C VAL A 76 -4.62 18.06 21.29
N ASP A 77 -4.40 18.33 22.58
CA ASP A 77 -3.65 17.44 23.46
C ASP A 77 -2.25 17.17 22.90
N LYS A 78 -1.65 18.19 22.29
CA LYS A 78 -0.26 18.14 21.82
C LYS A 78 -0.04 17.08 20.75
N VAL A 79 -1.06 16.80 19.94
CA VAL A 79 -0.93 15.94 18.77
C VAL A 79 -1.40 16.74 17.56
N ASN A 80 -0.53 16.84 16.55
CA ASN A 80 -0.85 17.64 15.38
C ASN A 80 -1.87 16.93 14.49
N PHE A 81 -2.82 17.70 13.98
CA PHE A 81 -3.83 17.19 13.06
C PHE A 81 -3.82 18.01 11.79
N HIS A 82 -3.94 17.33 10.66
CA HIS A 82 -3.90 17.97 9.35
C HIS A 82 -5.16 17.57 8.59
N MET A 83 -5.98 18.56 8.27
CA MET A 83 -7.31 18.35 7.72
C MET A 83 -7.40 18.92 6.30
N PHE A 84 -7.95 18.13 5.39
CA PHE A 84 -7.98 18.45 3.97
C PHE A 84 -9.41 18.47 3.46
N ASP A 85 -9.69 19.39 2.54
CA ASP A 85 -10.93 19.39 1.77
C ASP A 85 -10.61 19.61 0.30
N VAL A 86 -11.50 19.13 -0.56
CA VAL A 86 -11.33 19.23 -2.00
C VAL A 86 -12.53 19.98 -2.58
N GLY A 87 -12.27 20.99 -3.38
CA GLY A 87 -13.33 21.77 -4.00
C GLY A 87 -12.86 22.61 -5.17
N ARG A 93 -15.44 13.58 -6.05
CA ARG A 93 -14.85 12.49 -5.29
C ARG A 93 -14.95 11.18 -6.04
N ARG A 94 -15.13 11.28 -7.36
CA ARG A 94 -15.41 10.09 -8.16
C ARG A 94 -14.22 9.14 -8.17
N LYS A 95 -13.03 9.64 -8.47
CA LYS A 95 -11.89 8.76 -8.62
C LYS A 95 -10.60 9.31 -8.02
N TRP A 96 -10.53 10.59 -7.65
CA TRP A 96 -9.34 11.08 -6.96
C TRP A 96 -9.25 10.62 -5.52
N ILE A 97 -10.28 9.93 -5.01
CA ILE A 97 -10.28 9.46 -3.63
C ILE A 97 -9.29 8.36 -3.38
N GLN A 98 -8.71 7.79 -4.44
CA GLN A 98 -7.67 6.78 -4.26
C GLN A 98 -6.45 7.37 -3.57
N CYS A 99 -6.20 8.66 -3.75
CA CYS A 99 -5.03 9.28 -3.14
C CYS A 99 -5.12 9.24 -1.62
N PHE A 100 -6.31 9.47 -1.07
CA PHE A 100 -6.50 9.46 0.38
C PHE A 100 -6.80 8.06 0.90
N ASN A 101 -5.95 7.11 0.53
CA ASN A 101 -6.04 5.75 1.06
C ASN A 101 -5.35 5.61 2.40
N ASP A 102 -4.41 6.50 2.72
CA ASP A 102 -3.59 6.38 3.92
C ASP A 102 -3.85 7.54 4.87
N VAL A 103 -5.12 7.89 5.05
CA VAL A 103 -5.51 8.92 6.00
C VAL A 103 -5.96 8.24 7.28
N THR A 104 -5.80 8.94 8.40
CA THR A 104 -6.22 8.38 9.68
C THR A 104 -7.74 8.19 9.72
N ALA A 105 -8.49 9.16 9.21
CA ALA A 105 -9.94 9.06 9.20
C ALA A 105 -10.49 9.99 8.13
N ILE A 106 -11.77 9.78 7.81
CA ILE A 106 -12.53 10.63 6.90
C ILE A 106 -13.63 11.30 7.71
N ILE A 107 -13.72 12.62 7.61
CA ILE A 107 -14.67 13.40 8.38
C ILE A 107 -15.84 13.73 7.48
N PHE A 108 -16.93 12.99 7.63
CA PHE A 108 -18.15 13.22 6.85
C PHE A 108 -19.05 14.16 7.62
N VAL A 109 -19.47 15.24 6.97
CA VAL A 109 -20.27 16.29 7.58
C VAL A 109 -21.60 16.36 6.84
N VAL A 110 -22.70 16.30 7.60
CA VAL A 110 -24.03 16.22 7.04
C VAL A 110 -24.95 17.21 7.73
N ASP A 111 -25.77 17.90 6.94
CA ASP A 111 -26.84 18.71 7.49
C ASP A 111 -27.95 17.81 8.01
N SER A 112 -28.33 18.02 9.27
CA SER A 112 -29.39 17.23 9.88
C SER A 112 -30.73 17.94 9.91
N SER A 113 -30.85 19.08 9.22
CA SER A 113 -32.09 19.83 9.20
C SER A 113 -32.79 19.81 7.84
N ASP A 114 -32.04 19.73 6.74
CA ASP A 114 -32.62 19.70 5.41
C ASP A 114 -33.05 18.28 5.09
N TYR A 115 -34.27 17.94 5.49
CA TYR A 115 -34.80 16.60 5.22
C TYR A 115 -35.03 16.34 3.75
N ASN A 116 -35.04 17.39 2.92
CA ASN A 116 -35.20 17.19 1.47
C ASN A 116 -34.01 16.43 0.88
N ARG A 117 -32.79 16.82 1.25
CA ARG A 117 -31.58 16.25 0.67
C ARG A 117 -30.86 15.32 1.63
N LEU A 118 -31.56 14.84 2.67
CA LEU A 118 -30.94 13.89 3.59
C LEU A 118 -30.63 12.58 2.88
N GLN A 119 -31.55 12.11 2.02
CA GLN A 119 -31.34 10.84 1.33
C GLN A 119 -30.10 10.91 0.44
N GLU A 120 -29.87 12.06 -0.21
CA GLU A 120 -28.66 12.22 -0.99
C GLU A 120 -27.41 12.23 -0.12
N ALA A 121 -27.55 12.53 1.17
CA ALA A 121 -26.43 12.42 2.09
C ALA A 121 -26.16 10.98 2.48
N LEU A 122 -27.21 10.18 2.68
CA LEU A 122 -27.02 8.75 2.93
C LEU A 122 -26.39 8.08 1.73
N ASN A 123 -26.84 8.41 0.52
CA ASN A 123 -26.24 7.85 -0.68
C ASN A 123 -24.79 8.26 -0.82
N ASP A 124 -24.46 9.48 -0.42
CA ASP A 124 -23.07 9.92 -0.41
C ASP A 124 -22.24 9.10 0.57
N PHE A 125 -22.81 8.82 1.75
CA PHE A 125 -22.07 8.08 2.76
C PHE A 125 -21.94 6.61 2.40
N LYS A 126 -22.92 6.06 1.69
CA LYS A 126 -22.85 4.66 1.28
C LYS A 126 -21.66 4.42 0.36
N SER A 127 -21.42 5.34 -0.58
CA SER A 127 -20.32 5.16 -1.53
C SER A 127 -18.96 5.25 -0.85
N ILE A 128 -18.80 6.21 0.08
CA ILE A 128 -17.54 6.34 0.80
C ILE A 128 -17.26 5.09 1.63
N TRP A 129 -18.29 4.59 2.34
CA TRP A 129 -18.10 3.41 3.17
C TRP A 129 -17.80 2.18 2.33
N ASN A 130 -18.50 2.02 1.21
CA ASN A 130 -18.39 0.82 0.39
C ASN A 130 -17.34 0.94 -0.70
N ASN A 131 -16.58 2.03 -0.72
CA ASN A 131 -15.55 2.19 -1.74
C ASN A 131 -14.41 1.21 -1.50
N ARG A 132 -13.81 0.75 -2.59
CA ARG A 132 -12.77 -0.27 -2.50
C ARG A 132 -11.54 0.27 -1.77
N TRP A 133 -11.17 1.50 -2.04
CA TRP A 133 -9.93 2.07 -1.53
C TRP A 133 -10.07 2.65 -0.13
N LEU A 134 -11.25 2.59 0.47
CA LEU A 134 -11.48 3.08 1.82
C LEU A 134 -11.99 1.95 2.70
N ARG A 135 -11.49 0.74 2.46
CA ARG A 135 -11.93 -0.41 3.25
C ARG A 135 -11.44 -0.33 4.68
N THR A 136 -10.24 0.20 4.89
CA THR A 136 -9.62 0.24 6.22
C THR A 136 -9.52 1.66 6.76
N ILE A 137 -10.41 2.54 6.35
CA ILE A 137 -10.44 3.94 6.81
C ILE A 137 -11.73 4.15 7.57
N SER A 138 -11.62 4.49 8.86
CA SER A 138 -12.79 4.78 9.66
C SER A 138 -13.33 6.17 9.32
N VAL A 139 -14.58 6.41 9.71
CA VAL A 139 -15.29 7.63 9.38
C VAL A 139 -15.81 8.27 10.65
N ILE A 140 -15.51 9.55 10.84
CA ILE A 140 -16.09 10.35 11.90
C ILE A 140 -17.22 11.16 11.30
N LEU A 141 -18.43 10.97 11.81
CA LEU A 141 -19.65 11.48 11.19
C LEU A 141 -20.19 12.61 12.08
N PHE A 142 -20.25 13.81 11.52
CA PHE A 142 -20.74 14.98 12.25
C PHE A 142 -22.11 15.34 11.71
N LEU A 143 -23.11 15.28 12.58
CA LEU A 143 -24.51 15.56 12.22
C LEU A 143 -24.74 17.05 12.46
N ASN A 144 -24.21 17.86 11.56
CA ASN A 144 -24.09 19.29 11.77
C ASN A 144 -25.45 19.97 11.76
N LYS A 145 -25.50 21.15 12.38
CA LYS A 145 -26.68 22.00 12.41
C LYS A 145 -27.86 21.30 13.09
N GLN A 146 -27.59 20.65 14.23
CA GLN A 146 -28.65 20.05 15.03
C GLN A 146 -29.45 21.08 15.81
N ASP A 147 -28.99 22.33 15.88
CA ASP A 147 -29.81 23.39 16.46
C ASP A 147 -31.03 23.69 15.58
N LEU A 148 -30.85 23.67 14.26
CA LEU A 148 -31.99 23.80 13.37
C LEU A 148 -32.91 22.60 13.46
N LEU A 149 -32.34 21.42 13.71
CA LEU A 149 -33.15 20.20 13.80
C LEU A 149 -34.14 20.29 14.94
N ALA A 150 -33.70 20.80 16.10
CA ALA A 150 -34.60 20.96 17.23
C ALA A 150 -35.69 21.96 16.90
N GLU A 151 -35.34 23.06 16.24
CA GLU A 151 -36.34 24.08 15.91
C GLU A 151 -37.34 23.56 14.88
N LYS A 152 -36.87 22.80 13.90
CA LYS A 152 -37.74 22.34 12.82
C LYS A 152 -38.80 21.37 13.34
N VAL A 153 -38.38 20.36 14.10
CA VAL A 153 -39.33 19.34 14.54
C VAL A 153 -40.26 19.87 15.60
N LEU A 154 -39.80 20.79 16.46
CA LEU A 154 -40.67 21.35 17.49
C LEU A 154 -41.65 22.38 16.93
N ALA A 155 -41.29 23.03 15.82
CA ALA A 155 -42.16 24.04 15.23
C ALA A 155 -43.49 23.44 14.76
N GLY A 156 -43.55 22.14 14.52
CA GLY A 156 -44.79 21.51 14.14
C GLY A 156 -45.25 21.80 12.73
N LYS A 157 -44.33 22.06 11.80
CA LYS A 157 -44.69 22.33 10.41
C LYS A 157 -44.24 21.21 9.48
N SER A 158 -42.96 20.86 9.52
CA SER A 158 -42.42 19.79 8.69
C SER A 158 -42.37 18.49 9.49
N LYS A 159 -42.74 17.39 8.84
CA LYS A 159 -42.78 16.08 9.47
C LYS A 159 -41.83 15.13 8.76
N ILE A 160 -41.06 14.39 9.56
CA ILE A 160 -40.07 13.47 9.01
C ILE A 160 -40.74 12.35 8.22
N GLU A 161 -41.92 11.91 8.68
CA GLU A 161 -42.61 10.81 8.02
C GLU A 161 -42.88 11.10 6.54
N ASP A 162 -43.00 12.37 6.17
CA ASP A 162 -43.19 12.74 4.78
C ASP A 162 -41.97 12.43 3.92
N TYR A 163 -40.82 12.17 4.54
CA TYR A 163 -39.61 11.83 3.80
C TYR A 163 -39.09 10.43 4.10
N PHE A 164 -39.39 9.88 5.27
CA PHE A 164 -39.06 8.49 5.59
C PHE A 164 -40.30 7.84 6.19
N PRO A 165 -40.96 6.94 5.46
CA PRO A 165 -42.21 6.35 5.99
C PRO A 165 -42.01 5.57 7.27
N GLU A 166 -40.82 5.02 7.52
CA GLU A 166 -40.60 4.17 8.68
C GLU A 166 -40.57 4.94 9.99
N PHE A 167 -40.57 6.27 9.94
CA PHE A 167 -40.41 7.05 11.16
C PHE A 167 -41.58 6.86 12.11
N ALA A 168 -42.80 6.77 11.59
CA ALA A 168 -43.98 6.66 12.44
C ALA A 168 -43.99 5.37 13.26
N ARG A 169 -43.18 4.38 12.89
CA ARG A 169 -43.10 3.11 13.59
C ARG A 169 -41.72 2.92 14.21
N TYR A 170 -41.17 3.98 14.80
CA TYR A 170 -39.86 3.94 15.43
C TYR A 170 -39.96 4.44 16.85
N THR A 171 -39.30 3.74 17.77
CA THR A 171 -39.32 4.07 19.18
C THR A 171 -37.92 4.44 19.65
N THR A 172 -37.84 5.44 20.52
CA THR A 172 -36.55 5.85 21.06
C THR A 172 -35.99 4.74 21.95
N PRO A 173 -34.80 4.22 21.67
CA PRO A 173 -34.26 3.14 22.49
C PRO A 173 -33.99 3.59 23.91
N GLU A 174 -34.63 2.92 24.87
CA GLU A 174 -34.47 3.29 26.28
C GLU A 174 -33.07 3.01 26.80
N ASP A 175 -32.27 2.24 26.06
CA ASP A 175 -30.92 1.93 26.51
C ASP A 175 -30.08 3.19 26.60
N ALA A 176 -30.20 4.09 25.62
CA ALA A 176 -29.41 5.31 25.56
C ALA A 176 -30.34 6.51 25.66
N THR A 177 -30.07 7.39 26.62
CA THR A 177 -30.78 8.66 26.76
C THR A 177 -29.83 9.70 27.34
N PRO A 178 -28.66 9.89 26.74
CA PRO A 178 -27.65 10.78 27.36
C PRO A 178 -27.87 12.25 27.06
N GLU A 179 -29.05 12.60 26.56
CA GLU A 179 -29.33 13.99 26.23
C GLU A 179 -29.94 14.71 27.43
N PRO A 180 -29.15 15.52 28.15
CA PRO A 180 -29.71 16.25 29.30
C PRO A 180 -30.20 17.64 28.94
N GLY A 181 -31.31 18.06 29.52
CA GLY A 181 -31.90 19.35 29.20
C GLY A 181 -32.27 19.44 27.74
N GLU A 182 -32.90 18.37 27.23
CA GLU A 182 -33.09 18.19 25.81
C GLU A 182 -34.49 17.64 25.56
N ASP A 183 -35.18 18.22 24.58
CA ASP A 183 -36.60 17.96 24.41
C ASP A 183 -36.85 16.51 23.97
N PRO A 184 -38.02 15.95 24.30
CA PRO A 184 -38.26 14.53 23.99
C PRO A 184 -38.64 14.27 22.55
N ARG A 185 -39.41 15.18 21.94
CA ARG A 185 -39.83 14.97 20.56
C ARG A 185 -38.64 15.00 19.60
N VAL A 186 -37.73 15.94 19.80
CA VAL A 186 -36.54 16.00 18.98
C VAL A 186 -35.63 14.81 19.26
N THR A 187 -35.68 14.26 20.48
CA THR A 187 -34.84 13.11 20.80
C THR A 187 -35.12 11.93 19.88
N ARG A 188 -36.39 11.70 19.55
CA ARG A 188 -36.74 10.60 18.65
C ARG A 188 -36.18 10.83 17.25
N ALA A 189 -36.15 12.08 16.80
CA ALA A 189 -35.62 12.38 15.46
C ALA A 189 -34.12 12.15 15.39
N LYS A 190 -33.39 12.50 16.44
CA LYS A 190 -31.93 12.37 16.41
C LYS A 190 -31.51 10.91 16.33
N TYR A 191 -32.13 10.04 17.12
CA TYR A 191 -31.77 8.63 17.10
C TYR A 191 -32.26 7.91 15.86
N PHE A 192 -33.09 8.56 15.05
CA PHE A 192 -33.50 7.99 13.77
C PHE A 192 -32.58 8.43 12.65
N ILE A 193 -32.12 9.68 12.68
CA ILE A 193 -31.16 10.13 11.68
C ILE A 193 -29.84 9.38 11.84
N ARG A 194 -29.42 9.17 13.08
CA ARG A 194 -28.20 8.42 13.33
C ARG A 194 -28.36 6.96 12.93
N LYS A 195 -29.54 6.38 13.14
CA LYS A 195 -29.74 4.97 12.80
C LYS A 195 -29.60 4.74 11.31
N GLU A 196 -30.09 5.66 10.49
CA GLU A 196 -30.02 5.52 9.05
C GLU A 196 -28.60 5.64 8.51
N PHE A 197 -27.65 6.09 9.33
CA PHE A 197 -26.26 6.16 8.92
C PHE A 197 -25.41 5.05 9.52
N VAL A 198 -25.83 4.49 10.65
CA VAL A 198 -25.05 3.43 11.29
C VAL A 198 -25.46 2.05 10.78
N ASP A 199 -26.71 1.87 10.36
CA ASP A 199 -27.10 0.61 9.73
C ASP A 199 -26.28 0.36 8.47
N ILE A 200 -25.98 1.42 7.72
CA ILE A 200 -25.08 1.28 6.57
C ILE A 200 -23.70 0.85 7.03
N SER A 201 -23.20 1.47 8.10
CA SER A 201 -21.86 1.13 8.59
C SER A 201 -21.80 -0.31 9.08
N THR A 202 -22.84 -0.74 9.79
CA THR A 202 -22.89 -2.12 10.29
C THR A 202 -23.35 -3.11 9.24
N ALA A 203 -23.84 -2.66 8.09
CA ALA A 203 -24.27 -3.56 7.03
C ALA A 203 -23.10 -4.37 6.49
N SER A 204 -22.12 -3.69 5.88
CA SER A 204 -20.93 -4.34 5.34
C SER A 204 -19.71 -3.56 5.81
N GLY A 205 -19.23 -3.90 7.00
CA GLY A 205 -18.00 -3.31 7.50
C GLY A 205 -16.97 -4.37 7.88
N ASP A 206 -17.46 -5.55 8.25
CA ASP A 206 -16.65 -6.70 8.64
C ASP A 206 -15.72 -6.40 9.81
N GLY A 207 -15.93 -5.28 10.51
CA GLY A 207 -15.04 -4.90 11.58
C GLY A 207 -13.71 -4.33 11.14
N ARG A 208 -13.53 -4.06 9.85
CA ARG A 208 -12.29 -3.45 9.39
C ARG A 208 -12.24 -1.97 9.76
N HIS A 209 -13.35 -1.26 9.60
CA HIS A 209 -13.44 0.14 9.98
C HIS A 209 -14.77 0.40 10.66
N ILE A 210 -14.76 1.39 11.56
CA ILE A 210 -15.91 1.71 12.40
C ILE A 210 -16.33 3.14 12.12
N CYS A 211 -17.61 3.42 12.34
CA CYS A 211 -18.17 4.76 12.19
C CYS A 211 -18.44 5.37 13.56
N TYR A 212 -18.07 6.63 13.71
CA TYR A 212 -18.26 7.36 14.96
C TYR A 212 -19.18 8.54 14.73
N PRO A 213 -20.44 8.49 15.19
CA PRO A 213 -21.36 9.60 14.97
C PRO A 213 -21.34 10.60 16.12
N HIS A 214 -21.55 11.87 15.75
CA HIS A 214 -21.58 12.94 16.72
C HIS A 214 -22.60 13.98 16.29
N PHE A 215 -23.16 14.67 17.27
CA PHE A 215 -24.16 15.72 17.05
C PHE A 215 -23.54 17.05 17.40
N THR A 216 -23.44 17.94 16.42
CA THR A 216 -22.75 19.22 16.61
C THR A 216 -23.61 20.37 16.12
N CYS A 217 -23.45 21.51 16.78
CA CYS A 217 -24.03 22.77 16.36
C CYS A 217 -22.98 23.57 15.58
N ALA A 218 -23.28 24.83 15.28
CA ALA A 218 -22.34 25.67 14.57
C ALA A 218 -21.62 26.61 15.53
N VAL A 219 -21.64 26.29 16.82
CA VAL A 219 -21.03 27.15 17.83
C VAL A 219 -20.14 26.32 18.76
N ASP A 220 -20.19 25.00 18.60
CA ASP A 220 -19.47 24.10 19.50
C ASP A 220 -17.98 24.20 19.25
N THR A 221 -17.22 24.51 20.29
CA THR A 221 -15.76 24.57 20.20
C THR A 221 -15.10 23.26 20.63
N GLU A 222 -15.89 22.23 20.91
CA GLU A 222 -15.39 20.96 21.42
C GLU A 222 -15.18 19.92 20.33
N ASN A 223 -15.27 20.31 19.06
CA ASN A 223 -15.17 19.34 17.96
C ASN A 223 -13.75 18.85 17.76
N ALA A 224 -12.75 19.67 18.06
CA ALA A 224 -11.37 19.20 17.96
C ALA A 224 -11.07 18.10 18.98
N ARG A 225 -11.70 18.18 20.15
CA ARG A 225 -11.56 17.10 21.13
C ARG A 225 -12.16 15.81 20.60
N ARG A 226 -13.32 15.89 19.95
CA ARG A 226 -14.02 14.69 19.51
C ARG A 226 -13.22 13.93 18.46
N ILE A 227 -12.56 14.64 17.55
CA ILE A 227 -11.68 13.98 16.59
C ILE A 227 -10.52 13.30 17.32
N PHE A 228 -9.99 13.95 18.36
CA PHE A 228 -8.87 13.37 19.09
C PHE A 228 -9.25 12.04 19.74
N ASN A 229 -10.40 12.01 20.41
CA ASN A 229 -10.82 10.79 21.09
C ASN A 229 -11.11 9.68 20.10
N ASP A 230 -11.70 10.02 18.94
CA ASP A 230 -11.99 9.00 17.95
C ASP A 230 -10.73 8.54 17.24
N CYS A 231 -9.83 9.47 16.91
CA CYS A 231 -8.56 9.08 16.30
C CYS A 231 -7.68 8.31 17.27
N LYS A 232 -7.96 8.37 18.57
CA LYS A 232 -7.24 7.52 19.53
C LYS A 232 -7.78 6.09 19.50
N ASP A 233 -9.09 5.93 19.32
CA ASP A 233 -9.66 4.59 19.20
C ASP A 233 -9.28 3.96 17.88
N ILE A 234 -9.19 4.75 16.82
CA ILE A 234 -8.77 4.23 15.51
C ILE A 234 -7.36 3.67 15.60
N ILE A 235 -6.45 4.42 16.22
CA ILE A 235 -5.08 3.96 16.36
C ILE A 235 -5.00 2.78 17.31
N LEU A 236 -5.81 2.78 18.37
CA LEU A 236 -5.84 1.65 19.29
C LEU A 236 -6.26 0.38 18.58
N GLN A 237 -7.31 0.46 17.76
CA GLN A 237 -7.70 -0.70 16.96
C GLN A 237 -6.64 -1.04 15.93
N MET A 238 -6.01 -0.03 15.33
CA MET A 238 -4.94 -0.29 14.38
C MET A 238 -3.76 -0.99 15.04
N ASN A 239 -3.49 -0.67 16.30
CA ASN A 239 -2.44 -1.35 17.04
C ASN A 239 -2.85 -2.75 17.48
N LEU A 240 -4.13 -2.94 17.81
CA LEU A 240 -4.60 -4.27 18.19
C LEU A 240 -4.50 -5.25 17.04
N ARG A 241 -4.87 -4.81 15.83
CA ARG A 241 -4.80 -5.68 14.66
C ARG A 241 -3.35 -5.99 14.29
N GLU A 242 -2.42 -5.09 14.60
CA GLU A 242 -1.01 -5.36 14.38
C GLU A 242 -0.53 -6.51 15.27
N TYR A 243 -1.13 -6.67 16.45
CA TYR A 243 -0.79 -7.73 17.38
C TYR A 243 -1.79 -8.87 17.36
N ASN A 244 -2.58 -8.98 16.29
CA ASN A 244 -3.48 -10.11 16.09
C ASN A 244 -4.42 -10.31 17.27
N LEU A 245 -4.79 -9.21 17.93
CA LEU A 245 -5.69 -9.27 19.07
C LEU A 245 -7.14 -9.00 18.70
N VAL A 246 -7.39 -8.31 17.59
CA VAL A 246 -8.74 -8.07 17.12
C VAL A 246 -8.85 -8.40 15.64
N GLU B 8 -33.01 21.12 -34.78
CA GLU B 8 -33.62 20.85 -33.49
C GLU B 8 -32.84 19.79 -32.73
N LEU B 9 -33.16 19.61 -31.45
CA LEU B 9 -32.48 18.61 -30.63
C LEU B 9 -32.69 17.21 -31.19
N ASP B 10 -33.93 16.89 -31.57
CA ASP B 10 -34.21 15.60 -32.20
C ASP B 10 -33.76 15.58 -33.65
N GLN B 11 -33.89 16.71 -34.37
CA GLN B 11 -33.47 16.76 -35.76
C GLN B 11 -31.97 16.54 -35.88
N LEU B 12 -31.18 17.18 -35.01
CA LEU B 12 -29.74 16.95 -35.01
C LEU B 12 -29.40 15.54 -34.55
N ARG B 13 -30.14 15.02 -33.57
CA ARG B 13 -29.89 13.66 -33.09
C ARG B 13 -30.09 12.65 -34.20
N GLN B 14 -31.12 12.83 -35.02
CA GLN B 14 -31.33 11.94 -36.16
C GLN B 14 -30.16 12.03 -37.14
N GLU B 15 -29.66 13.23 -37.38
CA GLU B 15 -28.48 13.39 -38.22
C GLU B 15 -27.25 12.75 -37.57
N ALA B 16 -27.10 12.91 -36.26
CA ALA B 16 -25.94 12.35 -35.57
C ALA B 16 -26.03 10.84 -35.45
N GLU B 17 -27.21 10.32 -35.09
CA GLU B 17 -27.35 8.87 -34.89
C GLU B 17 -27.10 8.11 -36.19
N GLN B 18 -27.64 8.62 -37.30
CA GLN B 18 -27.35 8.02 -38.60
C GLN B 18 -25.87 8.14 -38.93
N LEU B 19 -25.27 9.30 -38.64
CA LEU B 19 -23.84 9.47 -38.86
C LEU B 19 -23.03 8.54 -37.99
N LYS B 20 -23.40 8.42 -36.71
CA LYS B 20 -22.69 7.51 -35.81
C LYS B 20 -22.82 6.06 -36.29
N ASN B 21 -24.01 5.69 -36.76
CA ASN B 21 -24.18 4.36 -37.35
C ASN B 21 -23.37 4.22 -38.63
N GLN B 22 -23.23 5.31 -39.39
CA GLN B 22 -22.45 5.27 -40.62
C GLN B 22 -20.98 4.97 -40.34
N ILE B 23 -20.41 5.61 -39.31
CA ILE B 23 -19.01 5.38 -38.96
C ILE B 23 -18.81 3.94 -38.53
N ARG B 24 -19.69 3.43 -37.67
CA ARG B 24 -19.60 2.03 -37.26
C ARG B 24 -19.76 1.09 -38.45
N ASP B 25 -20.70 1.40 -39.34
CA ASP B 25 -20.89 0.57 -40.53
C ASP B 25 -19.70 0.68 -41.47
N ALA B 26 -19.20 1.90 -41.69
CA ALA B 26 -18.03 2.06 -42.56
C ALA B 26 -16.80 1.40 -41.96
N ARG B 27 -16.69 1.39 -40.63
CA ARG B 27 -15.57 0.73 -39.96
C ARG B 27 -15.59 -0.77 -40.19
N LYS B 28 -16.74 -1.36 -40.49
CA LYS B 28 -16.85 -2.79 -40.74
C LYS B 28 -16.58 -3.17 -42.18
N ALA B 29 -16.50 -2.19 -43.08
CA ALA B 29 -16.11 -2.44 -44.47
C ALA B 29 -14.60 -2.58 -44.63
N CYS B 30 -13.88 -2.72 -43.52
CA CYS B 30 -12.43 -2.82 -43.54
C CYS B 30 -11.86 -4.02 -42.80
N ALA B 31 -12.63 -4.64 -41.89
CA ALA B 31 -12.12 -5.78 -41.12
C ALA B 31 -12.29 -7.05 -41.95
N ASP B 32 -11.41 -7.19 -42.94
CA ASP B 32 -11.39 -8.40 -43.75
C ASP B 32 -10.74 -9.58 -43.04
N ALA B 33 -9.98 -9.33 -41.96
CA ALA B 33 -9.37 -10.39 -41.18
C ALA B 33 -9.05 -9.83 -39.80
N THR B 34 -8.76 -10.75 -38.87
CA THR B 34 -8.43 -10.39 -37.51
C THR B 34 -6.93 -10.56 -37.26
N LEU B 35 -6.45 -9.91 -36.20
CA LEU B 35 -5.02 -9.93 -35.91
C LEU B 35 -4.54 -11.34 -35.58
N SER B 36 -5.35 -12.11 -34.85
CA SER B 36 -4.95 -13.46 -34.49
C SER B 36 -4.80 -14.34 -35.74
N GLN B 37 -5.74 -14.22 -36.68
CA GLN B 37 -5.67 -15.02 -37.90
C GLN B 37 -4.46 -14.65 -38.74
N ILE B 38 -4.17 -13.36 -38.88
CA ILE B 38 -3.09 -12.93 -39.75
C ILE B 38 -1.74 -13.27 -39.13
N THR B 39 -1.67 -13.45 -37.82
CA THR B 39 -0.41 -13.60 -37.11
C THR B 39 -0.35 -14.95 -36.38
N ASN B 40 -1.23 -15.88 -36.76
CA ASN B 40 -1.29 -17.17 -36.05
C ASN B 40 -0.01 -17.96 -36.23
N ASN B 41 0.57 -17.96 -37.43
CA ASN B 41 1.72 -18.80 -37.74
C ASN B 41 3.01 -17.99 -37.60
N ILE B 42 3.40 -17.75 -36.35
CA ILE B 42 4.70 -17.17 -36.03
C ILE B 42 5.28 -17.91 -34.83
N ASP B 43 6.57 -17.74 -34.63
CA ASP B 43 7.24 -18.37 -33.49
C ASP B 43 6.83 -17.68 -32.19
N PRO B 44 6.33 -18.43 -31.21
CA PRO B 44 5.97 -17.81 -29.93
C PRO B 44 7.18 -17.30 -29.17
N VAL B 45 6.96 -16.27 -28.36
CA VAL B 45 8.03 -15.68 -27.58
C VAL B 45 8.57 -16.69 -26.56
N GLY B 46 7.68 -17.40 -25.88
CA GLY B 46 8.09 -18.32 -24.83
C GLY B 46 8.15 -17.65 -23.48
N ARG B 47 8.49 -18.44 -22.48
CA ARG B 47 8.55 -17.95 -21.12
C ARG B 47 9.64 -16.89 -20.99
N ILE B 48 9.32 -15.84 -20.22
CA ILE B 48 10.24 -14.75 -19.95
C ILE B 48 10.46 -14.70 -18.44
N GLN B 49 11.71 -14.79 -18.02
CA GLN B 49 12.07 -14.78 -16.60
C GLN B 49 13.00 -13.59 -16.38
N MET B 50 12.40 -12.43 -16.12
CA MET B 50 13.14 -11.21 -15.81
C MET B 50 13.22 -11.05 -14.30
N ARG B 51 14.41 -10.73 -13.80
CA ARG B 51 14.63 -10.62 -12.37
C ARG B 51 14.93 -9.19 -11.98
N THR B 52 14.72 -8.91 -10.70
CA THR B 52 15.05 -7.60 -10.16
C THR B 52 16.56 -7.40 -10.17
N ARG B 53 17.01 -6.28 -10.70
CA ARG B 53 18.42 -5.94 -10.72
C ARG B 53 18.78 -4.87 -9.70
N ARG B 54 17.91 -3.89 -9.49
CA ARG B 54 18.12 -2.88 -8.47
C ARG B 54 16.81 -2.61 -7.75
N THR B 55 16.92 -2.29 -6.46
CA THR B 55 15.79 -1.77 -5.69
C THR B 55 16.17 -0.40 -5.16
N LEU B 56 15.26 0.56 -5.32
CA LEU B 56 15.52 1.95 -4.98
C LEU B 56 14.70 2.30 -3.74
N ARG B 57 15.31 2.13 -2.57
CA ARG B 57 14.69 2.55 -1.32
C ARG B 57 14.87 4.05 -1.12
N GLY B 58 14.01 4.63 -0.30
CA GLY B 58 14.13 6.04 0.01
C GLY B 58 12.81 6.77 0.12
N HIS B 59 11.76 6.22 -0.47
CA HIS B 59 10.44 6.82 -0.40
C HIS B 59 9.70 6.30 0.82
N LEU B 60 8.99 7.20 1.50
CA LEU B 60 8.30 6.87 2.74
C LEU B 60 6.78 6.89 2.59
N ALA B 61 6.27 6.98 1.37
CA ALA B 61 4.83 6.99 1.15
C ALA B 61 4.54 6.33 -0.18
N LYS B 62 3.28 6.38 -0.59
CA LYS B 62 2.85 5.77 -1.84
C LYS B 62 3.51 6.47 -3.02
N ILE B 63 3.70 5.71 -4.09
CA ILE B 63 4.33 6.21 -5.31
C ILE B 63 3.30 6.17 -6.42
N TYR B 64 3.04 7.31 -7.06
CA TYR B 64 2.06 7.39 -8.12
C TYR B 64 2.63 7.60 -9.52
N ALA B 65 3.89 7.97 -9.67
CA ALA B 65 4.41 8.17 -11.01
C ALA B 65 5.92 7.97 -11.04
N MET B 66 6.41 7.60 -12.22
CA MET B 66 7.84 7.66 -12.52
C MET B 66 8.00 7.97 -14.00
N HIS B 67 9.21 8.39 -14.37
CA HIS B 67 9.52 8.62 -15.77
C HIS B 67 11.02 8.47 -15.99
N TRP B 68 11.38 7.70 -16.99
CA TRP B 68 12.78 7.56 -17.37
C TRP B 68 13.25 8.80 -18.11
N GLY B 69 14.55 9.04 -18.05
CA GLY B 69 15.16 10.02 -18.91
C GLY B 69 15.40 9.48 -20.29
N THR B 70 15.84 10.36 -21.19
CA THR B 70 16.10 9.96 -22.55
C THR B 70 17.47 9.32 -22.73
N ASP B 71 18.31 9.29 -21.69
CA ASP B 71 19.58 8.61 -21.75
C ASP B 71 19.52 7.18 -21.24
N SER B 72 18.35 6.73 -20.78
CA SER B 72 18.15 5.40 -20.22
C SER B 72 18.96 5.17 -18.95
N ARG B 73 19.39 6.23 -18.29
CA ARG B 73 20.17 6.10 -17.06
C ARG B 73 19.53 6.79 -15.87
N LEU B 74 18.99 7.99 -16.04
CA LEU B 74 18.39 8.74 -14.95
C LEU B 74 16.87 8.68 -15.05
N LEU B 75 16.21 8.48 -13.92
CA LEU B 75 14.77 8.43 -13.87
C LEU B 75 14.27 9.28 -12.71
N VAL B 76 13.04 9.73 -12.83
CA VAL B 76 12.38 10.54 -11.81
C VAL B 76 11.23 9.73 -11.24
N SER B 77 10.91 9.99 -9.98
CA SER B 77 9.87 9.26 -9.27
C SER B 77 9.12 10.20 -8.34
N ALA B 78 7.80 10.22 -8.45
CA ALA B 78 6.95 11.04 -7.61
C ALA B 78 6.32 10.17 -6.53
N SER B 79 6.10 10.77 -5.36
CA SER B 79 5.52 10.06 -4.24
C SER B 79 4.68 11.01 -3.41
N GLN B 80 3.81 10.44 -2.57
CA GLN B 80 2.98 11.23 -1.67
C GLN B 80 3.74 11.78 -0.47
N ASP B 81 4.99 11.35 -0.26
CA ASP B 81 5.79 11.96 0.79
C ASP B 81 6.06 13.43 0.50
N GLY B 82 5.88 13.87 -0.73
CA GLY B 82 6.07 15.25 -1.10
C GLY B 82 7.38 15.57 -1.77
N LYS B 83 8.10 14.57 -2.28
CA LYS B 83 9.41 14.81 -2.86
C LYS B 83 9.61 13.96 -4.11
N LEU B 84 10.11 14.59 -5.17
CA LEU B 84 10.62 13.86 -6.33
C LEU B 84 12.07 13.45 -6.07
N ILE B 85 12.45 12.30 -6.59
CA ILE B 85 13.82 11.81 -6.49
C ILE B 85 14.29 11.43 -7.88
N ILE B 86 15.36 12.06 -8.33
CA ILE B 86 16.01 11.68 -9.58
C ILE B 86 17.08 10.67 -9.22
N TRP B 87 16.80 9.39 -9.48
CA TRP B 87 17.72 8.31 -9.16
C TRP B 87 18.70 8.08 -10.30
N ASP B 88 19.74 7.32 -9.99
CA ASP B 88 20.69 6.81 -10.97
C ASP B 88 20.57 5.30 -10.93
N SER B 89 19.86 4.72 -11.91
CA SER B 89 19.55 3.30 -11.86
C SER B 89 20.80 2.43 -11.91
N TYR B 90 21.87 2.92 -12.54
CA TYR B 90 23.10 2.13 -12.62
C TYR B 90 23.70 1.88 -11.24
N THR B 91 23.69 2.89 -10.37
CA THR B 91 24.38 2.79 -9.10
C THR B 91 23.53 3.17 -7.89
N THR B 92 22.23 3.40 -8.06
CA THR B 92 21.26 3.57 -6.98
C THR B 92 21.45 4.83 -6.17
N ASN B 93 22.31 5.76 -6.61
CA ASN B 93 22.45 7.01 -5.88
C ASN B 93 21.22 7.88 -6.08
N LYS B 94 21.15 8.95 -5.28
CA LYS B 94 20.05 9.89 -5.30
C LYS B 94 20.60 11.23 -5.79
N VAL B 95 20.44 11.50 -7.09
CA VAL B 95 21.04 12.68 -7.68
C VAL B 95 20.38 13.95 -7.16
N HIS B 96 19.06 13.92 -6.98
CA HIS B 96 18.34 15.08 -6.49
C HIS B 96 17.16 14.63 -5.65
N ALA B 97 16.64 15.57 -4.85
CA ALA B 97 15.43 15.32 -4.07
C ALA B 97 14.72 16.66 -3.92
N ILE B 98 13.68 16.86 -4.72
CA ILE B 98 13.00 18.15 -4.82
C ILE B 98 11.81 18.14 -3.86
N PRO B 99 11.81 18.98 -2.83
CA PRO B 99 10.60 19.12 -2.01
C PRO B 99 9.50 19.81 -2.80
N LEU B 100 8.26 19.48 -2.46
CA LEU B 100 7.10 19.93 -3.21
C LEU B 100 6.15 20.71 -2.30
N ARG B 101 5.51 21.73 -2.89
CA ARG B 101 4.54 22.51 -2.13
C ARG B 101 3.34 21.67 -1.73
N SER B 102 2.87 20.81 -2.63
CA SER B 102 1.70 19.98 -2.38
C SER B 102 2.12 18.51 -2.36
N SER B 103 1.74 17.81 -1.29
CA SER B 103 2.12 16.42 -1.16
C SER B 103 1.38 15.53 -2.15
N TRP B 104 0.15 15.89 -2.51
CA TRP B 104 -0.69 15.04 -3.35
C TRP B 104 -0.30 15.24 -4.81
N VAL B 105 0.57 14.38 -5.31
CA VAL B 105 1.04 14.44 -6.69
C VAL B 105 0.64 13.16 -7.41
N MET B 106 0.19 13.32 -8.65
CA MET B 106 -0.24 12.20 -9.46
C MET B 106 0.64 11.95 -10.67
N THR B 107 1.55 12.86 -10.99
CA THR B 107 2.31 12.75 -12.22
C THR B 107 3.67 13.41 -12.06
N CYS B 108 4.67 12.84 -12.72
CA CYS B 108 5.98 13.45 -12.88
C CYS B 108 6.45 13.20 -14.30
N ALA B 109 7.27 14.12 -14.80
CA ALA B 109 7.77 14.04 -16.17
C ALA B 109 9.23 14.44 -16.19
N TYR B 110 9.93 13.94 -17.20
CA TYR B 110 11.35 14.23 -17.41
C TYR B 110 11.52 14.72 -18.83
N ALA B 111 12.09 15.92 -18.98
CA ALA B 111 12.24 16.51 -20.28
C ALA B 111 13.27 15.74 -21.11
N PRO B 112 13.10 15.71 -22.43
CA PRO B 112 14.12 15.06 -23.27
C PRO B 112 15.51 15.67 -23.14
N SER B 113 15.59 16.99 -22.99
CA SER B 113 16.89 17.63 -22.84
C SER B 113 17.56 17.28 -21.53
N GLY B 114 16.81 16.77 -20.55
CA GLY B 114 17.37 16.45 -19.26
C GLY B 114 17.53 17.62 -18.32
N ASN B 115 17.04 18.80 -18.69
CA ASN B 115 17.24 20.00 -17.89
C ASN B 115 16.06 20.32 -16.98
N TYR B 116 14.86 19.84 -17.28
CA TYR B 116 13.68 20.18 -16.50
C TYR B 116 12.91 18.93 -16.10
N VAL B 117 12.26 19.02 -14.96
CA VAL B 117 11.39 17.97 -14.41
C VAL B 117 10.08 18.61 -14.01
N ALA B 118 8.97 18.00 -14.40
CA ALA B 118 7.63 18.51 -14.11
C ALA B 118 6.92 17.61 -13.12
N CYS B 119 5.79 18.09 -12.63
CA CYS B 119 5.00 17.40 -11.63
C CYS B 119 3.63 18.06 -11.56
N GLY B 120 2.75 17.48 -10.76
CA GLY B 120 1.42 18.01 -10.58
C GLY B 120 0.51 17.00 -9.91
N GLY B 121 -0.63 17.50 -9.44
CA GLY B 121 -1.58 16.65 -8.74
C GLY B 121 -2.88 17.34 -8.41
N LEU B 122 -3.39 17.15 -7.20
CA LEU B 122 -4.64 17.75 -6.76
C LEU B 122 -4.53 19.24 -6.48
N ASP B 123 -3.33 19.82 -6.57
CA ASP B 123 -3.18 21.26 -6.44
C ASP B 123 -3.53 22.01 -7.72
N ASN B 124 -3.83 21.29 -8.81
CA ASN B 124 -4.33 21.84 -10.06
C ASN B 124 -3.25 22.56 -10.85
N ILE B 125 -2.06 22.69 -10.27
CA ILE B 125 -0.96 23.44 -10.86
C ILE B 125 0.06 22.48 -11.44
N CYS B 126 0.65 22.85 -12.57
CA CYS B 126 1.77 22.14 -13.15
C CYS B 126 3.05 22.87 -12.76
N SER B 127 4.00 22.15 -12.19
CA SER B 127 5.21 22.73 -11.62
C SER B 127 6.42 22.25 -12.42
N ILE B 128 6.99 23.13 -13.23
CA ILE B 128 8.21 22.85 -13.98
C ILE B 128 9.40 23.27 -13.13
N TYR B 129 10.29 22.33 -12.86
CA TYR B 129 11.48 22.55 -12.05
C TYR B 129 12.71 22.58 -12.94
N ASN B 130 13.72 23.35 -12.51
CA ASN B 130 14.96 23.50 -13.26
C ASN B 130 16.06 22.70 -12.57
N LEU B 131 16.71 21.82 -13.31
CA LEU B 131 17.68 20.92 -12.70
C LEU B 131 19.06 21.55 -12.61
N LYS B 132 19.48 22.29 -13.62
CA LYS B 132 20.80 22.89 -13.65
C LYS B 132 20.66 24.41 -13.59
N THR B 133 21.34 25.02 -12.63
CA THR B 133 21.34 26.47 -12.46
C THR B 133 22.48 26.82 -11.50
N ARG B 134 22.63 28.11 -11.23
CA ARG B 134 23.62 28.55 -10.27
C ARG B 134 23.20 28.18 -8.85
N GLU B 135 24.19 28.10 -7.96
CA GLU B 135 24.07 27.80 -6.54
C GLU B 135 23.66 26.36 -6.26
N GLY B 136 23.40 25.55 -7.28
CA GLY B 136 23.15 24.14 -7.08
C GLY B 136 21.72 23.77 -6.73
N ASN B 137 21.00 24.68 -6.09
CA ASN B 137 19.65 24.38 -5.63
C ASN B 137 18.69 24.23 -6.81
N VAL B 138 17.63 23.47 -6.58
CA VAL B 138 16.58 23.25 -7.58
C VAL B 138 15.32 23.96 -7.09
N ARG B 139 14.82 24.89 -7.90
CA ARG B 139 13.67 25.71 -7.54
C ARG B 139 12.70 25.75 -8.71
N VAL B 140 11.46 26.09 -8.40
CA VAL B 140 10.39 26.16 -9.40
C VAL B 140 10.78 27.12 -10.51
N SER B 141 10.93 26.61 -11.72
CA SER B 141 11.16 27.48 -12.87
C SER B 141 9.90 28.26 -13.22
N ARG B 142 8.76 27.59 -13.28
CA ARG B 142 7.48 28.27 -13.46
C ARG B 142 6.36 27.35 -13.04
N GLU B 143 5.32 27.94 -12.47
CA GLU B 143 4.09 27.24 -12.11
C GLU B 143 3.03 27.57 -13.16
N LEU B 144 2.35 26.55 -13.66
CA LEU B 144 1.43 26.68 -14.77
C LEU B 144 0.03 26.33 -14.27
N ALA B 145 -0.79 27.36 -14.09
CA ALA B 145 -2.16 27.20 -13.61
C ALA B 145 -3.14 27.60 -14.71
N GLY B 146 -4.41 27.36 -14.44
CA GLY B 146 -5.45 27.62 -15.42
C GLY B 146 -6.40 26.44 -15.53
N HIS B 147 -5.94 25.28 -15.10
CA HIS B 147 -6.77 24.09 -15.12
C HIS B 147 -7.82 24.16 -14.01
N THR B 148 -8.91 23.43 -14.21
CA THR B 148 -9.99 23.37 -13.22
C THR B 148 -9.96 22.08 -12.42
N GLY B 149 -9.32 21.04 -12.92
CA GLY B 149 -9.27 19.77 -12.22
C GLY B 149 -7.87 19.26 -11.99
N TYR B 150 -7.75 18.09 -11.39
CA TYR B 150 -6.47 17.55 -10.97
C TYR B 150 -5.64 17.13 -12.17
N LEU B 151 -4.36 17.48 -12.13
CA LEU B 151 -3.42 17.15 -13.21
C LEU B 151 -3.15 15.65 -13.18
N SER B 152 -3.55 14.95 -14.24
CA SER B 152 -3.42 13.51 -14.31
C SER B 152 -2.20 13.03 -15.07
N CYS B 153 -1.74 13.79 -16.06
CA CYS B 153 -0.57 13.37 -16.81
C CYS B 153 0.10 14.58 -17.45
N CYS B 154 1.43 14.56 -17.47
CA CYS B 154 2.24 15.64 -18.05
C CYS B 154 3.28 15.00 -18.96
N ARG B 155 3.47 15.57 -20.15
CA ARG B 155 4.47 15.07 -21.09
C ARG B 155 5.10 16.24 -21.81
N PHE B 156 6.42 16.36 -21.72
CA PHE B 156 7.14 17.40 -22.42
C PHE B 156 7.17 17.14 -23.92
N LEU B 157 7.16 18.22 -24.69
CA LEU B 157 7.45 18.18 -26.12
C LEU B 157 8.84 18.67 -26.44
N ASP B 158 9.28 19.72 -25.76
CA ASP B 158 10.60 20.31 -25.90
C ASP B 158 10.81 21.10 -24.61
N ASP B 159 11.89 21.86 -24.54
CA ASP B 159 12.13 22.66 -23.34
C ASP B 159 11.20 23.86 -23.24
N ASN B 160 10.37 24.10 -24.24
CA ASN B 160 9.45 25.22 -24.25
C ASN B 160 7.98 24.83 -24.30
N GLN B 161 7.66 23.57 -24.57
CA GLN B 161 6.30 23.11 -24.72
C GLN B 161 6.04 21.93 -23.80
N ILE B 162 4.86 21.92 -23.16
CA ILE B 162 4.43 20.81 -22.32
C ILE B 162 2.95 20.57 -22.57
N VAL B 163 2.55 19.30 -22.57
CA VAL B 163 1.17 18.90 -22.80
C VAL B 163 0.67 18.20 -21.54
N THR B 164 -0.41 18.70 -20.97
CA THR B 164 -0.94 18.19 -19.71
C THR B 164 -2.41 17.88 -19.85
N SER B 165 -2.84 16.79 -19.22
CA SER B 165 -4.24 16.40 -19.16
C SER B 165 -4.69 16.42 -17.71
N SER B 166 -5.88 16.97 -17.48
CA SER B 166 -6.41 17.11 -16.14
C SER B 166 -7.81 16.52 -16.08
N GLY B 167 -8.41 16.58 -14.90
CA GLY B 167 -9.72 16.03 -14.64
C GLY B 167 -10.87 16.93 -15.03
N ASP B 168 -10.59 18.08 -15.65
CA ASP B 168 -11.62 18.95 -16.16
C ASP B 168 -12.00 18.63 -17.60
N THR B 169 -11.79 17.37 -18.01
CA THR B 169 -12.18 16.85 -19.33
C THR B 169 -11.45 17.54 -20.47
N THR B 170 -10.36 18.23 -20.19
CA THR B 170 -9.62 18.95 -21.21
C THR B 170 -8.13 18.70 -21.05
N CYS B 171 -7.41 18.79 -22.16
CA CYS B 171 -5.96 18.78 -22.18
C CYS B 171 -5.47 20.11 -22.73
N ALA B 172 -4.39 20.63 -22.17
CA ALA B 172 -3.88 21.94 -22.57
C ALA B 172 -2.42 21.82 -23.01
N LEU B 173 -2.09 22.52 -24.08
CA LEU B 173 -0.71 22.70 -24.50
C LEU B 173 -0.21 24.06 -24.05
N TRP B 174 0.98 24.09 -23.48
CA TRP B 174 1.51 25.28 -22.83
C TRP B 174 2.81 25.72 -23.47
N ASP B 175 3.03 27.04 -23.48
CA ASP B 175 4.34 27.62 -23.75
C ASP B 175 4.96 28.00 -22.41
N ILE B 176 6.07 27.34 -22.07
CA ILE B 176 6.65 27.51 -20.74
C ILE B 176 7.09 28.95 -20.51
N GLU B 177 7.70 29.57 -21.52
CA GLU B 177 8.17 30.94 -21.36
C GLU B 177 7.02 31.91 -21.08
N THR B 178 5.90 31.73 -21.78
CA THR B 178 4.75 32.61 -21.56
C THR B 178 4.01 32.24 -20.28
N GLY B 179 3.91 30.96 -19.98
CA GLY B 179 3.11 30.51 -18.86
C GLY B 179 1.62 30.47 -19.12
N GLN B 180 1.21 30.49 -20.38
CA GLN B 180 -0.19 30.50 -20.76
C GLN B 180 -0.49 29.36 -21.71
N GLN B 181 -1.76 28.98 -21.77
CA GLN B 181 -2.20 27.90 -22.65
C GLN B 181 -2.26 28.39 -24.09
N THR B 182 -1.74 27.56 -25.01
CA THR B 182 -1.82 27.86 -26.43
C THR B 182 -3.03 27.19 -27.08
N THR B 183 -3.23 25.91 -26.82
CA THR B 183 -4.36 25.16 -27.35
C THR B 183 -5.01 24.37 -26.22
N THR B 184 -6.33 24.42 -26.15
CA THR B 184 -7.10 23.61 -25.20
C THR B 184 -7.92 22.61 -25.98
N PHE B 185 -7.75 21.34 -25.67
CA PHE B 185 -8.39 20.24 -26.40
C PHE B 185 -9.64 19.79 -25.66
N THR B 186 -10.80 20.08 -26.23
CA THR B 186 -12.07 19.62 -25.71
C THR B 186 -12.62 18.53 -26.61
N GLY B 187 -13.52 17.73 -26.05
CA GLY B 187 -14.08 16.61 -26.78
C GLY B 187 -14.33 15.41 -25.90
N HIS B 188 -13.71 15.42 -24.73
CA HIS B 188 -13.92 14.37 -23.74
C HIS B 188 -15.10 14.74 -22.83
N THR B 189 -15.71 13.72 -22.24
CA THR B 189 -16.79 13.91 -21.29
C THR B 189 -16.42 13.43 -19.89
N GLY B 190 -15.16 13.08 -19.67
CA GLY B 190 -14.74 12.57 -18.38
C GLY B 190 -13.32 12.95 -18.02
N ASP B 191 -12.81 12.41 -16.92
CA ASP B 191 -11.48 12.77 -16.45
C ASP B 191 -10.42 12.13 -17.33
N VAL B 192 -9.63 12.96 -18.01
CA VAL B 192 -8.55 12.48 -18.86
C VAL B 192 -7.39 12.05 -17.96
N MET B 193 -7.29 10.74 -17.70
CA MET B 193 -6.29 10.25 -16.77
C MET B 193 -5.01 9.74 -17.42
N SER B 194 -4.89 9.79 -18.74
CA SER B 194 -3.64 9.40 -19.37
C SER B 194 -3.49 10.10 -20.71
N LEU B 195 -2.24 10.24 -21.13
CA LEU B 195 -1.94 10.67 -22.49
C LEU B 195 -0.57 10.15 -22.86
N SER B 196 -0.40 9.86 -24.16
CA SER B 196 0.87 9.39 -24.70
C SER B 196 1.21 10.20 -25.95
N LEU B 197 2.50 10.42 -26.15
CA LEU B 197 2.99 11.24 -27.24
C LEU B 197 3.56 10.36 -28.34
N ALA B 198 3.24 10.70 -29.58
CA ALA B 198 3.81 9.99 -30.72
C ALA B 198 5.31 10.26 -30.80
N PRO B 199 6.09 9.31 -31.32
CA PRO B 199 7.54 9.57 -31.46
C PRO B 199 7.87 10.75 -32.33
N ASP B 200 6.98 11.15 -33.26
CA ASP B 200 7.22 12.29 -34.12
C ASP B 200 6.71 13.60 -33.53
N THR B 201 6.27 13.59 -32.28
CA THR B 201 5.76 14.76 -31.54
C THR B 201 4.91 15.67 -32.43
N ARG B 202 3.98 15.05 -33.15
CA ARG B 202 2.95 15.77 -33.87
C ARG B 202 1.54 15.33 -33.52
N LEU B 203 1.36 14.17 -32.91
CA LEU B 203 0.06 13.66 -32.53
C LEU B 203 0.14 13.10 -31.12
N PHE B 204 -0.98 13.09 -30.41
CA PHE B 204 -1.01 12.47 -29.10
C PHE B 204 -2.40 11.94 -28.81
N VAL B 205 -2.47 10.92 -27.97
CA VAL B 205 -3.71 10.26 -27.61
C VAL B 205 -4.00 10.51 -26.14
N SER B 206 -5.25 10.30 -25.75
CA SER B 206 -5.68 10.50 -24.37
C SER B 206 -6.78 9.51 -24.03
N GLY B 207 -6.73 8.97 -22.82
CA GLY B 207 -7.76 8.07 -22.34
C GLY B 207 -8.44 8.61 -21.11
N ALA B 208 -9.77 8.55 -21.07
CA ALA B 208 -10.53 9.16 -19.99
C ALA B 208 -11.50 8.15 -19.40
N CYS B 209 -12.25 8.60 -18.39
CA CYS B 209 -13.21 7.76 -17.71
C CYS B 209 -14.45 7.46 -18.55
N ASP B 210 -14.62 8.12 -19.69
CA ASP B 210 -15.73 7.86 -20.58
C ASP B 210 -15.48 6.68 -21.51
N ALA B 211 -14.46 5.87 -21.22
CA ALA B 211 -14.11 4.71 -22.05
C ALA B 211 -13.86 5.12 -23.50
N SER B 212 -13.14 6.22 -23.69
CA SER B 212 -12.85 6.75 -25.01
C SER B 212 -11.38 7.11 -25.10
N ALA B 213 -10.73 6.65 -26.17
CA ALA B 213 -9.34 6.98 -26.45
C ALA B 213 -9.31 7.89 -27.67
N LYS B 214 -9.14 9.18 -27.44
CA LYS B 214 -9.19 10.17 -28.49
C LYS B 214 -7.80 10.52 -28.97
N LEU B 215 -7.63 10.63 -30.28
CA LEU B 215 -6.38 11.05 -30.89
C LEU B 215 -6.52 12.50 -31.33
N TRP B 216 -5.54 13.32 -30.96
CA TRP B 216 -5.58 14.75 -31.21
C TRP B 216 -4.48 15.12 -32.20
N ASP B 217 -4.40 16.42 -32.50
CA ASP B 217 -3.35 16.99 -33.32
C ASP B 217 -2.71 18.12 -32.54
N VAL B 218 -1.40 18.04 -32.37
CA VAL B 218 -0.69 19.01 -31.54
C VAL B 218 -0.73 20.39 -32.16
N ARG B 219 -0.66 20.48 -33.48
CA ARG B 219 -0.65 21.78 -34.15
C ARG B 219 -2.05 22.26 -34.51
N GLU B 220 -2.88 21.39 -35.09
CA GLU B 220 -4.21 21.81 -35.55
C GLU B 220 -5.13 22.16 -34.38
N GLY B 221 -5.06 21.39 -33.30
CA GLY B 221 -5.94 21.60 -32.16
C GLY B 221 -7.25 20.87 -32.23
N MET B 222 -7.50 20.08 -33.26
CA MET B 222 -8.72 19.32 -33.41
C MET B 222 -8.53 17.88 -32.96
N CYS B 223 -9.64 17.16 -32.87
CA CYS B 223 -9.65 15.75 -32.47
C CYS B 223 -9.92 14.91 -33.71
N ARG B 224 -8.90 14.19 -34.17
CA ARG B 224 -9.00 13.50 -35.46
C ARG B 224 -9.89 12.26 -35.38
N GLN B 225 -9.74 11.45 -34.34
CA GLN B 225 -10.47 10.20 -34.25
C GLN B 225 -10.94 9.99 -32.81
N THR B 226 -11.85 9.04 -32.64
CA THR B 226 -12.39 8.68 -31.33
C THR B 226 -12.59 7.18 -31.28
N PHE B 227 -11.85 6.51 -30.41
CA PHE B 227 -11.93 5.05 -30.27
C PHE B 227 -12.75 4.72 -29.04
N THR B 228 -13.81 3.93 -29.23
CA THR B 228 -14.70 3.52 -28.15
C THR B 228 -14.86 2.00 -28.22
N GLY B 229 -14.05 1.28 -27.47
CA GLY B 229 -14.13 -0.17 -27.44
C GLY B 229 -14.12 -0.74 -26.04
N HIS B 230 -13.85 0.10 -25.05
CA HIS B 230 -13.73 -0.36 -23.67
C HIS B 230 -15.10 -0.29 -22.99
N GLU B 231 -15.10 -0.62 -21.70
CA GLU B 231 -16.32 -0.57 -20.91
C GLU B 231 -16.15 0.06 -19.53
N SER B 232 -14.97 0.60 -19.21
CA SER B 232 -14.76 1.28 -17.94
C SER B 232 -13.72 2.38 -18.16
N ASP B 233 -13.20 2.93 -17.07
CA ASP B 233 -12.29 4.06 -17.16
C ASP B 233 -10.91 3.60 -17.64
N ILE B 234 -10.39 4.27 -18.66
CA ILE B 234 -9.07 3.97 -19.19
C ILE B 234 -8.02 4.62 -18.28
N ASN B 235 -7.27 3.79 -17.55
CA ASN B 235 -6.29 4.31 -16.61
C ASN B 235 -4.91 4.52 -17.23
N ALA B 236 -4.63 3.96 -18.40
CA ALA B 236 -3.31 4.09 -19.01
C ALA B 236 -3.43 3.96 -20.51
N ILE B 237 -2.44 4.50 -21.21
CA ILE B 237 -2.39 4.45 -22.67
C ILE B 237 -0.96 4.71 -23.09
N CYS B 238 -0.55 4.06 -24.19
CA CYS B 238 0.85 4.13 -24.63
C CYS B 238 0.91 3.85 -26.12
N PHE B 239 1.72 4.64 -26.82
CA PHE B 239 1.89 4.46 -28.25
C PHE B 239 2.75 3.26 -28.58
N PHE B 240 2.40 2.56 -29.65
CA PHE B 240 3.27 1.55 -30.22
C PHE B 240 4.53 2.22 -30.76
N PRO B 241 5.68 1.53 -30.73
CA PRO B 241 6.93 2.16 -31.18
C PRO B 241 6.90 2.65 -32.61
N ASN B 242 6.06 2.08 -33.47
CA ASN B 242 5.96 2.58 -34.84
C ASN B 242 5.30 3.95 -34.87
N GLY B 243 4.39 4.21 -33.94
CA GLY B 243 3.62 5.43 -33.94
C GLY B 243 2.29 5.34 -34.63
N ASN B 244 1.84 4.13 -34.99
CA ASN B 244 0.57 3.94 -35.68
C ASN B 244 -0.36 2.99 -34.92
N ALA B 245 -0.12 2.79 -33.63
CA ALA B 245 -1.00 1.98 -32.80
C ALA B 245 -0.79 2.37 -31.35
N PHE B 246 -1.75 2.01 -30.50
CA PHE B 246 -1.61 2.27 -29.08
C PHE B 246 -2.41 1.24 -28.29
N ALA B 247 -2.05 1.11 -27.01
CA ALA B 247 -2.65 0.15 -26.12
C ALA B 247 -3.28 0.88 -24.94
N THR B 248 -4.49 0.46 -24.57
CA THR B 248 -5.26 1.09 -23.51
C THR B 248 -5.60 0.08 -22.43
N GLY B 249 -5.45 0.48 -21.17
CA GLY B 249 -5.77 -0.39 -20.07
C GLY B 249 -6.80 0.20 -19.14
N SER B 250 -7.98 -0.42 -19.07
CA SER B 250 -9.07 0.08 -18.25
C SER B 250 -9.20 -0.73 -16.97
N ASP B 251 -10.28 -0.47 -16.23
CA ASP B 251 -10.57 -1.20 -15.00
C ASP B 251 -11.24 -2.54 -15.25
N ASP B 252 -11.60 -2.85 -16.49
CA ASP B 252 -12.25 -4.11 -16.83
C ASP B 252 -11.25 -5.24 -17.04
N ALA B 253 -10.01 -5.08 -16.57
CA ALA B 253 -8.98 -6.11 -16.65
C ALA B 253 -8.68 -6.51 -18.10
N THR B 254 -8.79 -5.57 -19.03
CA THR B 254 -8.54 -5.85 -20.44
C THR B 254 -7.64 -4.76 -21.02
N CYS B 255 -6.60 -5.18 -21.74
CA CYS B 255 -5.81 -4.29 -22.56
C CYS B 255 -6.22 -4.46 -24.02
N ARG B 256 -6.30 -3.36 -24.75
CA ARG B 256 -6.72 -3.39 -26.14
C ARG B 256 -5.73 -2.63 -27.00
N LEU B 257 -5.37 -3.22 -28.13
CA LEU B 257 -4.47 -2.60 -29.08
C LEU B 257 -5.30 -2.04 -30.23
N PHE B 258 -5.32 -0.72 -30.36
CA PHE B 258 -6.05 -0.07 -31.43
C PHE B 258 -5.09 0.27 -32.56
N ASP B 259 -5.63 0.91 -33.60
CA ASP B 259 -4.83 1.34 -34.74
C ASP B 259 -5.50 2.57 -35.35
N LEU B 260 -4.69 3.35 -36.07
CA LEU B 260 -5.13 4.62 -36.63
C LEU B 260 -5.59 4.50 -38.07
N ARG B 261 -4.76 3.91 -38.93
CA ARG B 261 -5.13 3.77 -40.33
C ARG B 261 -6.32 2.82 -40.50
N ALA B 262 -6.48 1.87 -39.58
CA ALA B 262 -7.68 1.05 -39.55
C ALA B 262 -8.78 1.67 -38.71
N ASP B 263 -8.41 2.47 -37.71
CA ASP B 263 -9.36 3.23 -36.90
C ASP B 263 -10.32 2.29 -36.16
N GLN B 264 -9.80 1.18 -35.67
CA GLN B 264 -10.60 0.23 -34.92
C GLN B 264 -9.69 -0.62 -34.04
N GLU B 265 -10.31 -1.48 -33.24
CA GLU B 265 -9.57 -2.32 -32.31
C GLU B 265 -9.09 -3.58 -33.01
N LEU B 266 -7.87 -4.01 -32.68
CA LEU B 266 -7.27 -5.17 -33.29
C LEU B 266 -7.07 -6.35 -32.36
N MET B 267 -7.01 -6.12 -31.05
CA MET B 267 -6.74 -7.22 -30.13
C MET B 267 -7.23 -6.84 -28.74
N THR B 268 -7.50 -7.86 -27.94
CA THR B 268 -7.96 -7.70 -26.56
C THR B 268 -7.21 -8.68 -25.69
N TYR B 269 -6.41 -8.17 -24.76
CA TYR B 269 -5.60 -9.00 -23.89
C TYR B 269 -6.31 -9.14 -22.56
N SER B 270 -6.83 -10.32 -22.28
CA SER B 270 -7.52 -10.59 -21.03
C SER B 270 -7.48 -12.07 -20.72
N HIS B 271 -7.48 -12.40 -19.43
CA HIS B 271 -7.54 -13.77 -18.96
C HIS B 271 -8.54 -13.85 -17.82
N ASP B 272 -9.11 -15.04 -17.63
CA ASP B 272 -10.17 -15.20 -16.63
C ASP B 272 -9.66 -14.94 -15.22
N ASN B 273 -8.44 -15.39 -14.91
CA ASN B 273 -7.93 -15.25 -13.56
C ASN B 273 -7.77 -13.79 -13.16
N ILE B 274 -7.31 -12.95 -14.09
CA ILE B 274 -7.07 -11.54 -13.80
C ILE B 274 -8.41 -10.80 -13.81
N ILE B 275 -8.85 -10.37 -12.64
CA ILE B 275 -10.08 -9.61 -12.51
C ILE B 275 -9.85 -8.18 -12.06
N CYS B 276 -8.66 -7.84 -11.56
CA CYS B 276 -8.40 -6.51 -11.07
C CYS B 276 -8.09 -5.56 -12.23
N GLY B 277 -8.07 -4.27 -11.92
CA GLY B 277 -7.89 -3.25 -12.93
C GLY B 277 -6.46 -3.19 -13.44
N ILE B 278 -6.28 -2.34 -14.45
CA ILE B 278 -4.99 -2.15 -15.10
C ILE B 278 -4.54 -0.72 -14.84
N THR B 279 -3.39 -0.57 -14.20
CA THR B 279 -2.92 0.74 -13.78
C THR B 279 -2.00 1.40 -14.81
N SER B 280 -0.97 0.68 -15.24
CA SER B 280 0.01 1.22 -16.17
C SER B 280 0.25 0.25 -17.30
N VAL B 281 0.54 0.79 -18.48
CA VAL B 281 0.86 0.00 -19.67
C VAL B 281 1.97 0.70 -20.44
N SER B 282 2.95 -0.08 -20.89
CA SER B 282 3.94 0.44 -21.83
C SER B 282 4.45 -0.70 -22.70
N PHE B 283 5.05 -0.34 -23.82
CA PHE B 283 5.56 -1.30 -24.79
C PHE B 283 7.06 -1.44 -24.66
N SER B 284 7.61 -2.43 -25.37
CA SER B 284 9.04 -2.62 -25.46
C SER B 284 9.57 -1.91 -26.70
N LYS B 285 10.88 -1.95 -26.89
CA LYS B 285 11.49 -1.20 -27.99
C LYS B 285 11.06 -1.75 -29.34
N SER B 286 10.94 -3.06 -29.45
CA SER B 286 10.53 -3.69 -30.71
C SER B 286 9.03 -3.75 -30.89
N GLY B 287 8.25 -3.41 -29.87
CA GLY B 287 6.81 -3.51 -29.96
C GLY B 287 6.28 -4.92 -29.91
N ARG B 288 7.06 -5.86 -29.37
CA ARG B 288 6.64 -7.25 -29.29
C ARG B 288 6.01 -7.61 -27.95
N LEU B 289 6.38 -6.92 -26.88
CA LEU B 289 5.89 -7.22 -25.55
C LEU B 289 5.09 -6.03 -25.03
N LEU B 290 3.92 -6.30 -24.49
CA LEU B 290 3.09 -5.30 -23.83
C LEU B 290 3.15 -5.57 -22.33
N LEU B 291 3.83 -4.69 -21.60
CA LEU B 291 3.82 -4.77 -20.15
C LEU B 291 2.61 -4.03 -19.60
N ALA B 292 2.04 -4.58 -18.53
CA ALA B 292 0.84 -4.01 -17.95
C ALA B 292 0.87 -4.19 -16.45
N GLY B 293 0.55 -3.13 -15.71
CA GLY B 293 0.44 -3.18 -14.28
C GLY B 293 -1.00 -3.43 -13.85
N TYR B 294 -1.15 -4.05 -12.69
CA TYR B 294 -2.46 -4.49 -12.21
C TYR B 294 -2.60 -4.18 -10.73
N ASP B 295 -3.83 -4.26 -10.24
CA ASP B 295 -4.11 -4.05 -8.82
C ASP B 295 -3.83 -5.27 -7.97
N ASP B 296 -3.55 -6.43 -8.58
CA ASP B 296 -3.21 -7.63 -7.84
C ASP B 296 -1.75 -7.70 -7.46
N PHE B 297 -1.05 -6.57 -7.50
CA PHE B 297 0.31 -6.33 -7.01
C PHE B 297 1.39 -6.89 -7.93
N ASN B 298 1.07 -7.34 -9.13
CA ASN B 298 2.08 -7.89 -10.02
C ASN B 298 1.90 -7.39 -11.44
N CYS B 299 3.00 -7.34 -12.18
CA CYS B 299 3.00 -6.97 -13.58
C CYS B 299 2.81 -8.19 -14.46
N ASN B 300 2.29 -7.96 -15.67
CA ASN B 300 2.09 -9.01 -16.66
C ASN B 300 2.81 -8.64 -17.94
N VAL B 301 3.39 -9.64 -18.59
CA VAL B 301 4.04 -9.48 -19.89
C VAL B 301 3.17 -10.18 -20.92
N TRP B 302 2.68 -9.41 -21.89
CA TRP B 302 1.79 -9.92 -22.92
C TRP B 302 2.50 -9.94 -24.27
N ASP B 303 1.87 -10.61 -25.22
CA ASP B 303 2.37 -10.72 -26.59
C ASP B 303 1.55 -9.80 -27.47
N ALA B 304 2.19 -8.78 -28.03
CA ALA B 304 1.48 -7.77 -28.81
C ALA B 304 0.97 -8.31 -30.14
N LEU B 305 1.38 -9.51 -30.55
CA LEU B 305 0.94 -10.08 -31.81
C LEU B 305 0.26 -11.43 -31.68
N LYS B 306 0.31 -12.08 -30.52
CA LYS B 306 -0.36 -13.37 -30.33
C LYS B 306 -1.29 -13.36 -29.13
N ALA B 307 -1.43 -12.24 -28.42
CA ALA B 307 -2.27 -12.12 -27.24
C ALA B 307 -1.93 -13.16 -26.18
N ASP B 308 -0.70 -13.65 -26.17
CA ASP B 308 -0.29 -14.75 -25.30
C ASP B 308 0.35 -14.19 -24.03
N ARG B 309 -0.26 -14.49 -22.90
CA ARG B 309 0.36 -14.26 -21.60
C ARG B 309 1.71 -14.95 -21.54
N ALA B 310 2.74 -14.23 -21.11
CA ALA B 310 4.09 -14.77 -21.21
C ALA B 310 4.98 -14.48 -20.00
N GLY B 311 4.45 -13.93 -18.92
CA GLY B 311 5.29 -13.71 -17.76
C GLY B 311 4.69 -12.84 -16.68
N VAL B 312 5.27 -12.88 -15.49
CA VAL B 312 4.83 -12.08 -14.37
C VAL B 312 6.06 -11.48 -13.67
N LEU B 313 6.00 -10.19 -13.36
CA LEU B 313 6.99 -9.53 -12.51
C LEU B 313 6.31 -9.26 -11.18
N ALA B 314 6.40 -10.23 -10.27
CA ALA B 314 5.72 -10.18 -8.98
C ALA B 314 6.72 -9.94 -7.87
N GLY B 315 6.85 -8.69 -7.43
CA GLY B 315 7.74 -8.37 -6.34
C GLY B 315 7.25 -7.28 -5.41
N HIS B 316 6.01 -6.84 -5.57
CA HIS B 316 5.49 -5.69 -4.84
C HIS B 316 4.39 -6.10 -3.89
N ASP B 317 4.47 -5.59 -2.65
CA ASP B 317 3.46 -5.88 -1.64
C ASP B 317 2.17 -5.13 -1.87
N ASN B 318 2.19 -4.05 -2.66
CA ASN B 318 1.02 -3.24 -2.92
C ASN B 318 0.88 -3.05 -4.42
N ARG B 319 -0.17 -2.32 -4.82
CA ARG B 319 -0.51 -2.24 -6.24
C ARG B 319 0.53 -1.43 -7.00
N VAL B 320 0.91 -1.94 -8.16
CA VAL B 320 1.80 -1.22 -9.06
C VAL B 320 1.06 -0.03 -9.67
N SER B 321 1.64 1.16 -9.51
CA SER B 321 1.01 2.39 -9.95
C SER B 321 1.66 3.01 -11.17
N CYS B 322 2.82 2.53 -11.58
CA CYS B 322 3.52 3.09 -12.72
C CYS B 322 4.44 2.03 -13.29
N LEU B 323 4.86 2.25 -14.53
CA LEU B 323 5.73 1.31 -15.21
C LEU B 323 6.35 2.03 -16.40
N GLY B 324 7.56 1.62 -16.77
CA GLY B 324 8.27 2.30 -17.82
C GLY B 324 9.40 1.52 -18.43
N VAL B 325 9.60 1.68 -19.73
CA VAL B 325 10.65 0.99 -20.48
C VAL B 325 11.65 2.03 -20.95
N THR B 326 12.94 1.73 -20.75
CA THR B 326 13.99 2.64 -21.16
C THR B 326 14.00 2.82 -22.68
N ASP B 327 14.67 3.87 -23.13
CA ASP B 327 14.73 4.17 -24.56
C ASP B 327 15.61 3.21 -25.33
N ASP B 328 16.37 2.35 -24.66
CA ASP B 328 17.19 1.35 -25.35
C ASP B 328 16.69 -0.06 -25.13
N GLY B 329 15.53 -0.23 -24.50
CA GLY B 329 15.02 -1.56 -24.23
C GLY B 329 15.87 -2.34 -23.25
N MET B 330 16.58 -1.67 -22.36
CA MET B 330 17.52 -2.33 -21.47
C MET B 330 16.91 -2.71 -20.14
N ALA B 331 15.89 -2.00 -19.68
CA ALA B 331 15.36 -2.25 -18.36
C ALA B 331 13.91 -1.81 -18.28
N VAL B 332 13.24 -2.30 -17.23
CA VAL B 332 11.86 -1.96 -16.93
C VAL B 332 11.77 -1.57 -15.47
N ALA B 333 11.17 -0.43 -15.18
CA ALA B 333 11.03 0.07 -13.83
C ALA B 333 9.58 -0.03 -13.39
N THR B 334 9.38 -0.50 -12.16
CA THR B 334 8.05 -0.74 -11.60
C THR B 334 7.96 -0.07 -10.25
N GLY B 335 6.90 0.70 -10.05
CA GLY B 335 6.71 1.42 -8.80
C GLY B 335 5.34 1.17 -8.23
N SER B 336 5.30 0.85 -6.95
CA SER B 336 4.06 0.49 -6.28
C SER B 336 3.85 1.40 -5.08
N TRP B 337 2.69 1.21 -4.42
CA TRP B 337 2.35 2.00 -3.25
C TRP B 337 3.20 1.65 -2.04
N ASP B 338 3.97 0.56 -2.10
CA ASP B 338 4.86 0.19 -1.00
C ASP B 338 6.16 0.97 -1.00
N SER B 339 6.25 2.04 -1.79
CA SER B 339 7.38 2.97 -1.77
C SER B 339 8.67 2.29 -2.25
N PHE B 340 8.59 1.59 -3.38
CA PHE B 340 9.73 0.90 -3.93
C PHE B 340 9.72 1.00 -5.44
N LEU B 341 10.91 1.08 -6.03
CA LEU B 341 11.10 0.99 -7.47
C LEU B 341 12.04 -0.16 -7.74
N LYS B 342 11.60 -1.11 -8.55
CA LYS B 342 12.41 -2.28 -8.89
C LYS B 342 12.74 -2.21 -10.38
N ILE B 343 14.03 -2.20 -10.69
CA ILE B 343 14.50 -2.10 -12.07
C ILE B 343 14.65 -3.52 -12.59
N TRP B 344 13.63 -3.99 -13.31
CA TRP B 344 13.67 -5.33 -13.87
C TRP B 344 14.46 -5.34 -15.17
N ASN B 345 14.87 -6.54 -15.58
CA ASN B 345 15.65 -6.71 -16.79
C ASN B 345 15.63 -8.17 -17.23
N GLN C 11 -24.64 24.05 -29.03
CA GLN C 11 -25.02 22.87 -28.24
C GLN C 11 -24.47 21.60 -28.89
N ALA C 12 -25.35 20.85 -29.54
CA ALA C 12 -24.96 19.62 -30.22
C ALA C 12 -24.39 19.87 -31.60
N ARG C 13 -24.46 21.11 -32.10
CA ARG C 13 -23.89 21.41 -33.41
C ARG C 13 -22.39 21.20 -33.43
N LYS C 14 -21.70 21.54 -32.35
CA LYS C 14 -20.28 21.25 -32.25
C LYS C 14 -20.03 19.76 -32.24
N LEU C 15 -20.89 18.99 -31.56
CA LEU C 15 -20.74 17.55 -31.52
C LEU C 15 -20.90 16.94 -32.91
N VAL C 16 -21.89 17.40 -33.67
CA VAL C 16 -22.09 16.85 -35.01
C VAL C 16 -21.11 17.41 -36.03
N GLU C 17 -20.49 18.56 -35.73
CA GLU C 17 -19.44 19.06 -36.62
C GLU C 17 -18.20 18.17 -36.53
N GLN C 18 -17.86 17.72 -35.33
CA GLN C 18 -16.72 16.81 -35.17
C GLN C 18 -17.02 15.44 -35.76
N LEU C 19 -18.25 14.96 -35.60
CA LEU C 19 -18.61 13.64 -36.13
C LEU C 19 -18.49 13.59 -37.64
N LYS C 20 -18.89 14.66 -38.33
CA LYS C 20 -18.70 14.71 -39.78
C LYS C 20 -17.23 14.72 -40.14
N MET C 21 -16.42 15.46 -39.38
CA MET C 21 -14.98 15.52 -39.66
C MET C 21 -14.32 14.15 -39.43
N GLU C 22 -14.71 13.45 -38.37
CA GLU C 22 -14.15 12.13 -38.12
C GLU C 22 -14.62 11.11 -39.15
N ALA C 23 -15.83 11.28 -39.68
CA ALA C 23 -16.34 10.35 -40.67
C ALA C 23 -15.55 10.43 -41.98
N ASN C 24 -15.17 11.64 -42.37
CA ASN C 24 -14.50 11.86 -43.66
C ASN C 24 -12.98 11.62 -43.51
N ILE C 25 -12.63 10.35 -43.34
CA ILE C 25 -11.25 9.92 -43.31
C ILE C 25 -11.13 8.64 -44.13
N ASP C 26 -9.88 8.32 -44.52
CA ASP C 26 -9.61 7.20 -45.41
C ASP C 26 -9.15 6.00 -44.58
N ARG C 27 -10.13 5.19 -44.17
CA ARG C 27 -9.82 3.94 -43.48
C ARG C 27 -9.14 2.97 -44.45
N ILE C 28 -8.30 2.09 -43.90
CA ILE C 28 -7.72 0.99 -44.65
C ILE C 28 -8.04 -0.31 -43.93
N LYS C 29 -7.78 -1.42 -44.63
CA LYS C 29 -8.15 -2.71 -44.11
C LYS C 29 -7.19 -3.16 -43.00
N VAL C 30 -7.68 -4.07 -42.15
CA VAL C 30 -6.85 -4.64 -41.10
C VAL C 30 -5.73 -5.47 -41.71
N SER C 31 -5.92 -5.99 -42.92
CA SER C 31 -4.90 -6.82 -43.54
C SER C 31 -3.59 -6.06 -43.70
N LYS C 32 -3.65 -4.82 -44.18
CA LYS C 32 -2.45 -4.00 -44.26
C LYS C 32 -2.03 -3.44 -42.91
N ALA C 33 -2.98 -3.31 -41.98
CA ALA C 33 -2.63 -2.84 -40.63
C ALA C 33 -1.80 -3.88 -39.89
N ALA C 34 -2.25 -5.14 -39.91
CA ALA C 34 -1.52 -6.19 -39.22
C ALA C 34 -0.22 -6.56 -39.93
N ALA C 35 -0.17 -6.37 -41.25
CA ALA C 35 1.07 -6.67 -41.98
C ALA C 35 2.21 -5.76 -41.52
N ASP C 36 1.93 -4.47 -41.35
CA ASP C 36 2.97 -3.55 -40.92
C ASP C 36 3.40 -3.82 -39.49
N LEU C 37 2.44 -4.12 -38.61
CA LEU C 37 2.78 -4.37 -37.21
C LEU C 37 3.65 -5.62 -37.07
N MET C 38 3.34 -6.67 -37.84
CA MET C 38 4.22 -7.83 -37.90
C MET C 38 5.56 -7.47 -38.51
N ALA C 39 5.55 -6.64 -39.56
CA ALA C 39 6.79 -6.29 -40.25
C ALA C 39 7.72 -5.49 -39.34
N TYR C 40 7.16 -4.59 -38.53
CA TYR C 40 8.00 -3.78 -37.65
C TYR C 40 8.72 -4.64 -36.61
N CYS C 41 7.99 -5.57 -35.99
CA CYS C 41 8.61 -6.40 -34.96
C CYS C 41 9.68 -7.30 -35.56
N GLU C 42 9.41 -7.90 -36.73
CA GLU C 42 10.40 -8.75 -37.37
C GLU C 42 11.63 -7.98 -37.81
N ALA C 43 11.50 -6.67 -38.05
CA ALA C 43 12.62 -5.84 -38.43
C ALA C 43 13.39 -5.28 -37.23
N HIS C 44 12.89 -5.49 -36.01
CA HIS C 44 13.56 -4.95 -34.84
C HIS C 44 13.60 -5.96 -33.68
N ALA C 45 13.51 -7.25 -33.97
CA ALA C 45 13.53 -8.28 -32.93
C ALA C 45 14.93 -8.56 -32.41
N LYS C 46 15.96 -7.96 -32.99
CA LYS C 46 17.32 -8.10 -32.50
C LYS C 46 17.73 -6.95 -31.57
N GLU C 47 16.90 -5.92 -31.46
CA GLU C 47 17.26 -4.72 -30.71
C GLU C 47 16.43 -4.56 -29.45
N ASP C 48 15.79 -5.62 -28.98
CA ASP C 48 14.95 -5.58 -27.77
C ASP C 48 15.53 -6.52 -26.73
N PRO C 49 16.44 -6.03 -25.88
CA PRO C 49 17.01 -6.90 -24.84
C PRO C 49 16.00 -7.45 -23.87
N LEU C 50 14.85 -6.79 -23.71
CA LEU C 50 13.80 -7.38 -22.87
C LEU C 50 13.28 -8.67 -23.46
N LEU C 51 13.31 -8.81 -24.79
CA LEU C 51 12.94 -10.07 -25.42
C LEU C 51 14.09 -11.06 -25.41
N THR C 52 15.20 -10.71 -26.06
CA THR C 52 16.36 -11.57 -26.13
C THR C 52 17.31 -11.19 -24.99
N PRO C 53 17.52 -12.06 -24.00
CA PRO C 53 18.49 -11.74 -22.94
C PRO C 53 19.88 -11.53 -23.53
N VAL C 54 20.60 -10.58 -22.96
CA VAL C 54 21.93 -10.22 -23.45
C VAL C 54 22.97 -10.75 -22.48
N PRO C 55 24.21 -11.01 -22.94
CA PRO C 55 25.26 -11.43 -22.01
C PRO C 55 25.53 -10.35 -20.98
N ALA C 56 25.86 -10.79 -19.76
CA ALA C 56 26.04 -9.86 -18.66
C ALA C 56 27.21 -8.91 -18.86
N SER C 57 28.12 -9.22 -19.79
CA SER C 57 29.21 -8.30 -20.08
C SER C 57 28.69 -7.00 -20.66
N GLU C 58 27.72 -7.07 -21.56
CA GLU C 58 27.15 -5.89 -22.19
C GLU C 58 26.06 -5.22 -21.38
N ASN C 59 25.37 -5.97 -20.51
CA ASN C 59 24.28 -5.40 -19.73
C ASN C 59 24.81 -4.39 -18.71
N PRO C 60 24.05 -3.33 -18.44
CA PRO C 60 24.47 -2.33 -17.43
C PRO C 60 23.88 -2.57 -16.04
N PHE C 61 23.23 -3.69 -15.80
CA PHE C 61 22.69 -3.99 -14.48
C PHE C 61 23.23 -5.30 -13.92
N LYS D 26 11.94 -48.17 27.44
CA LYS D 26 10.51 -48.33 27.65
C LYS D 26 9.82 -46.98 27.68
N GLN D 27 9.78 -46.37 28.86
CA GLN D 27 9.19 -45.04 28.98
C GLN D 27 10.05 -43.97 28.31
N THR D 28 11.36 -44.22 28.19
CA THR D 28 12.23 -43.29 27.49
C THR D 28 11.83 -43.18 26.02
N LEU D 29 11.64 -44.32 25.36
CA LEU D 29 11.22 -44.33 23.96
C LEU D 29 9.86 -43.70 23.77
N SER D 30 9.05 -43.56 24.82
CA SER D 30 7.73 -42.95 24.67
C SER D 30 7.85 -41.46 24.45
N LEU D 31 8.47 -40.74 25.40
CA LEU D 31 8.58 -39.29 25.27
C LEU D 31 9.65 -38.88 24.26
N THR D 32 10.77 -39.61 24.19
CA THR D 32 11.83 -39.21 23.28
C THR D 32 11.38 -39.25 21.83
N VAL D 33 10.66 -40.31 21.44
CA VAL D 33 10.12 -40.38 20.09
C VAL D 33 9.12 -39.26 19.86
N LEU D 34 8.25 -39.02 20.84
CA LEU D 34 7.29 -37.93 20.71
C LEU D 34 7.97 -36.58 20.66
N THR D 35 9.05 -36.39 21.45
CA THR D 35 9.75 -35.12 21.44
C THR D 35 10.36 -34.82 20.09
N CYS D 36 11.00 -35.83 19.47
CA CYS D 36 11.65 -35.61 18.18
C CYS D 36 10.64 -35.27 17.10
N ILE D 37 9.51 -35.98 17.07
CA ILE D 37 8.48 -35.70 16.06
C ILE D 37 7.93 -34.29 16.25
N VAL D 38 7.60 -33.92 17.49
CA VAL D 38 7.17 -32.56 17.77
C VAL D 38 8.29 -31.57 17.44
N SER D 39 9.53 -31.95 17.70
CA SER D 39 10.65 -31.08 17.37
C SER D 39 10.73 -30.82 15.87
N LEU D 40 10.54 -31.85 15.05
CA LEU D 40 10.59 -31.67 13.61
C LEU D 40 9.38 -30.89 13.10
N VAL D 41 8.23 -31.01 13.76
CA VAL D 41 7.07 -30.24 13.34
C VAL D 41 7.33 -28.74 13.48
N GLY D 42 7.95 -28.34 14.59
CA GLY D 42 8.23 -26.94 14.82
C GLY D 42 9.48 -26.45 14.13
N LEU D 43 10.48 -27.31 13.98
CA LEU D 43 11.74 -26.90 13.38
C LEU D 43 11.56 -26.46 11.93
N THR D 44 10.78 -27.23 11.15
CA THR D 44 10.49 -26.83 9.79
C THR D 44 9.47 -25.69 9.75
N GLY D 45 8.54 -25.65 10.70
CA GLY D 45 7.60 -24.55 10.76
C GLY D 45 8.27 -23.24 11.13
N ASN D 46 9.27 -23.29 12.00
CA ASN D 46 9.98 -22.08 12.40
C ASN D 46 10.73 -21.48 11.21
N ALA D 47 11.35 -22.32 10.39
CA ALA D 47 12.09 -21.82 9.24
C ALA D 47 11.18 -21.13 8.24
N VAL D 48 9.93 -21.58 8.13
CA VAL D 48 8.98 -20.93 7.24
C VAL D 48 8.72 -19.50 7.70
N VAL D 49 8.54 -19.30 9.00
CA VAL D 49 8.41 -17.95 9.53
C VAL D 49 9.68 -17.16 9.30
N LEU D 50 10.83 -17.78 9.56
CA LEU D 50 12.11 -17.12 9.35
C LEU D 50 12.35 -16.79 7.89
N TRP D 51 11.71 -17.51 6.97
CA TRP D 51 11.82 -17.22 5.55
C TRP D 51 10.75 -16.26 5.07
N LEU D 52 9.54 -16.34 5.64
CA LEU D 52 8.46 -15.48 5.20
C LEU D 52 8.70 -14.02 5.58
N LEU D 53 9.34 -13.77 6.71
CA LEU D 53 9.56 -12.39 7.15
C LEU D 53 10.79 -11.75 6.53
N GLY D 54 11.64 -12.53 5.87
CA GLY D 54 12.73 -11.93 5.11
C GLY D 54 12.27 -11.34 3.79
N CYS D 55 11.24 -11.92 3.18
CA CYS D 55 10.70 -11.37 1.95
C CYS D 55 10.05 -10.01 2.18
N ARG D 56 9.41 -9.83 3.33
CA ARG D 56 8.74 -8.57 3.64
C ARG D 56 9.76 -7.45 3.77
N MET D 57 9.33 -6.24 3.37
CA MET D 57 10.14 -5.04 3.50
C MET D 57 9.53 -4.00 4.41
N ARG D 58 8.32 -4.23 4.92
CA ARG D 58 7.70 -3.30 5.85
C ARG D 58 8.32 -3.42 7.23
N ARG D 59 8.28 -4.61 7.83
CA ARG D 59 8.97 -4.92 9.07
C ARG D 59 8.53 -3.99 10.21
N ASN D 60 7.26 -4.13 10.57
CA ASN D 60 6.74 -3.37 11.71
C ASN D 60 7.41 -3.81 12.99
N ALA D 61 7.06 -3.16 14.10
CA ALA D 61 7.70 -3.43 15.38
C ALA D 61 7.44 -4.86 15.84
N PHE D 62 6.22 -5.34 15.70
CA PHE D 62 5.86 -6.66 16.21
C PHE D 62 6.61 -7.76 15.46
N SER D 63 6.74 -7.62 14.13
CA SER D 63 7.34 -8.68 13.35
C SER D 63 8.82 -8.89 13.69
N ILE D 64 9.51 -7.85 14.16
CA ILE D 64 10.92 -7.99 14.47
C ILE D 64 11.12 -8.94 15.65
N TYR D 65 10.28 -8.84 16.67
CA TYR D 65 10.40 -9.75 17.81
C TYR D 65 10.10 -11.18 17.42
N ILE D 66 9.10 -11.37 16.56
CA ILE D 66 8.77 -12.72 16.10
C ILE D 66 9.89 -13.29 15.25
N LEU D 67 10.49 -12.44 14.41
CA LEU D 67 11.61 -12.89 13.59
C LEU D 67 12.77 -13.35 14.45
N ASN D 68 13.07 -12.61 15.51
CA ASN D 68 14.10 -13.01 16.45
C ASN D 68 13.66 -14.16 17.34
N LEU D 69 12.35 -14.34 17.52
CA LEU D 69 11.86 -15.50 18.26
C LEU D 69 11.95 -16.77 17.45
N ALA D 70 11.68 -16.69 16.14
CA ALA D 70 11.81 -17.87 15.29
C ALA D 70 13.25 -18.33 15.18
N ALA D 71 14.19 -17.40 15.04
CA ALA D 71 15.60 -17.75 15.01
C ALA D 71 16.05 -18.33 16.35
N ALA D 72 15.63 -17.71 17.45
CA ALA D 72 15.98 -18.22 18.77
C ALA D 72 15.36 -19.59 19.00
N ASP D 73 14.10 -19.77 18.59
CA ASP D 73 13.45 -21.06 18.75
C ASP D 73 14.05 -22.11 17.83
N PHE D 74 14.57 -21.70 16.67
CA PHE D 74 15.16 -22.65 15.73
C PHE D 74 16.37 -23.34 16.33
N LEU D 75 17.23 -22.58 17.00
CA LEU D 75 18.43 -23.16 17.60
C LEU D 75 18.07 -24.13 18.71
N PHE D 76 17.02 -23.81 19.48
CA PHE D 76 16.66 -24.67 20.61
C PHE D 76 16.21 -26.05 20.14
N LEU D 77 15.40 -26.11 19.09
CA LEU D 77 14.92 -27.40 18.61
C LEU D 77 16.04 -28.17 17.95
N SER D 78 16.96 -27.48 17.27
CA SER D 78 18.11 -28.15 16.68
C SER D 78 18.95 -28.82 17.76
N GLY D 79 19.15 -28.14 18.88
CA GLY D 79 19.84 -28.77 19.99
C GLY D 79 19.02 -29.91 20.60
N ARG D 80 17.71 -29.74 20.70
CA ARG D 80 16.86 -30.75 21.29
C ARG D 80 16.64 -31.94 20.37
N LEU D 81 16.53 -31.70 19.05
CA LEU D 81 16.40 -32.80 18.12
C LEU D 81 17.66 -33.66 18.12
N ILE D 82 18.84 -33.03 18.13
CA ILE D 82 20.08 -33.79 18.14
C ILE D 82 20.26 -34.51 19.47
N TYR D 83 19.99 -33.83 20.58
CA TYR D 83 20.19 -34.44 21.88
C TYR D 83 19.27 -35.63 22.09
N SER D 84 17.99 -35.49 21.73
CA SER D 84 17.05 -36.59 21.92
C SER D 84 17.35 -37.74 20.96
N LEU D 85 17.74 -37.43 19.72
CA LEU D 85 18.13 -38.48 18.78
C LEU D 85 19.38 -39.21 19.25
N LEU D 86 20.33 -38.47 19.83
CA LEU D 86 21.53 -39.10 20.36
C LEU D 86 21.24 -40.01 21.54
N SER D 87 20.04 -39.93 22.13
CA SER D 87 19.67 -40.86 23.18
C SER D 87 19.28 -42.23 22.61
N PHE D 88 18.70 -42.26 21.42
CA PHE D 88 18.27 -43.53 20.83
C PHE D 88 19.46 -44.43 20.53
N ILE D 89 20.35 -43.97 19.65
CA ILE D 89 21.60 -44.69 19.37
C ILE D 89 22.62 -44.32 20.43
N SER D 90 23.72 -45.06 20.49
CA SER D 90 24.79 -44.73 21.41
C SER D 90 25.44 -43.40 21.02
N ILE D 91 25.76 -42.59 22.01
CA ILE D 91 26.33 -41.26 21.76
C ILE D 91 27.55 -41.07 22.65
N PRO D 92 28.49 -40.22 22.23
CA PRO D 92 29.66 -39.95 23.07
C PRO D 92 29.38 -38.89 24.12
N HIS D 93 30.41 -38.50 24.86
CA HIS D 93 30.29 -37.48 25.90
C HIS D 93 30.86 -36.12 25.50
N THR D 94 31.63 -36.05 24.41
CA THR D 94 32.30 -34.80 24.06
C THR D 94 31.33 -33.77 23.48
N ILE D 95 30.40 -34.21 22.63
CA ILE D 95 29.48 -33.28 21.99
C ILE D 95 28.58 -32.61 23.03
N SER D 96 28.21 -33.34 24.08
CA SER D 96 27.33 -32.80 25.12
C SER D 96 27.88 -31.55 25.77
N LYS D 97 29.14 -31.19 25.51
CA LYS D 97 29.70 -29.94 25.98
C LYS D 97 29.44 -28.78 25.02
N ILE D 98 28.92 -29.06 23.82
CA ILE D 98 28.61 -28.00 22.88
C ILE D 98 27.11 -27.84 22.64
N LEU D 99 26.34 -28.93 22.71
CA LEU D 99 24.89 -28.80 22.56
C LEU D 99 24.28 -28.06 23.74
N TYR D 100 24.75 -28.34 24.96
CA TYR D 100 24.15 -27.71 26.14
C TYR D 100 24.30 -26.20 26.16
N PRO D 101 25.51 -25.62 26.01
CA PRO D 101 25.58 -24.16 26.01
C PRO D 101 25.28 -23.57 24.64
N VAL D 102 24.31 -24.17 23.96
CA VAL D 102 23.66 -23.57 22.80
C VAL D 102 22.18 -23.67 23.09
N MET D 103 21.77 -24.84 23.57
CA MET D 103 20.39 -25.07 23.98
C MET D 103 19.95 -24.03 25.01
N MET D 104 20.79 -23.77 26.00
CA MET D 104 20.42 -22.83 27.05
C MET D 104 20.48 -21.39 26.54
N PHE D 105 21.51 -21.05 25.77
CA PHE D 105 21.61 -19.71 25.21
C PHE D 105 20.45 -19.40 24.29
N SER D 106 19.92 -20.40 23.60
CA SER D 106 18.73 -20.21 22.77
C SER D 106 17.44 -20.33 23.56
N TYR D 107 17.43 -21.14 24.62
CA TYR D 107 16.22 -21.29 25.42
C TYR D 107 15.86 -20.00 26.14
N PHE D 108 16.84 -19.40 26.83
CA PHE D 108 16.56 -18.21 27.62
C PHE D 108 16.29 -17.00 26.74
N ALA D 109 16.89 -16.95 25.55
CA ALA D 109 16.65 -15.82 24.66
C ALA D 109 15.20 -15.78 24.19
N GLY D 110 14.64 -16.94 23.83
CA GLY D 110 13.27 -16.96 23.35
C GLY D 110 12.26 -16.60 24.41
N LEU D 111 12.49 -17.06 25.64
CA LEU D 111 11.58 -16.71 26.73
C LEU D 111 11.56 -15.21 26.97
N SER D 112 12.72 -14.56 26.86
CA SER D 112 12.79 -13.11 27.03
C SER D 112 12.15 -12.36 25.88
N PHE D 113 11.85 -13.02 24.76
CA PHE D 113 11.12 -12.39 23.67
C PHE D 113 9.61 -12.52 23.84
N LEU D 114 9.14 -13.61 24.45
CA LEU D 114 7.74 -13.69 24.81
C LEU D 114 7.38 -12.62 25.84
N SER D 115 8.28 -12.37 26.79
CA SER D 115 8.08 -11.29 27.74
C SER D 115 8.19 -9.93 27.06
N ALA D 116 9.11 -9.79 26.12
CA ALA D 116 9.25 -8.53 25.38
C ALA D 116 8.02 -8.26 24.52
N VAL D 117 7.48 -9.28 23.87
CA VAL D 117 6.31 -9.10 23.03
C VAL D 117 5.12 -8.65 23.86
N SER D 118 4.91 -9.30 25.01
CA SER D 118 3.78 -8.94 25.86
C SER D 118 3.91 -7.53 26.41
N THR D 119 5.11 -7.14 26.80
CA THR D 119 5.32 -5.79 27.31
C THR D 119 4.93 -4.76 26.27
N GLU D 120 5.28 -4.99 25.01
CA GLU D 120 4.91 -4.05 23.96
C GLU D 120 3.44 -4.12 23.58
N ARG D 121 2.77 -5.26 23.78
CA ARG D 121 1.32 -5.27 23.67
C ARG D 121 0.69 -4.35 24.70
N CYS D 122 1.21 -4.39 25.92
CA CYS D 122 0.68 -3.54 26.99
C CYS D 122 0.86 -2.06 26.65
N LEU D 123 2.04 -1.69 26.15
CA LEU D 123 2.28 -0.30 25.79
C LEU D 123 1.45 0.11 24.58
N SER D 124 1.27 -0.81 23.62
CA SER D 124 0.53 -0.47 22.41
C SER D 124 -0.93 -0.17 22.71
N VAL D 125 -1.47 -0.74 23.78
CA VAL D 125 -2.85 -0.48 24.18
C VAL D 125 -2.93 0.64 25.20
N LEU D 126 -2.02 0.66 26.17
CA LEU D 126 -2.03 1.72 27.17
C LEU D 126 -1.78 3.08 26.55
N TRP D 127 -0.84 3.17 25.61
CA TRP D 127 -0.42 4.43 25.01
C TRP D 127 -0.40 4.28 23.50
N PRO D 128 -1.57 4.31 22.85
CA PRO D 128 -1.60 4.04 21.42
C PRO D 128 -0.99 5.14 20.56
N ILE D 129 -1.23 6.41 20.93
CA ILE D 129 -0.66 7.51 20.16
C ILE D 129 0.86 7.48 20.22
N TRP D 130 1.42 7.24 21.41
CA TRP D 130 2.87 7.20 21.56
C TRP D 130 3.46 6.05 20.76
N TYR D 131 2.78 4.90 20.76
CA TYR D 131 3.34 3.72 20.12
C TYR D 131 3.34 3.81 18.60
N ARG D 132 2.52 4.68 18.01
CA ARG D 132 2.46 4.81 16.57
C ARG D 132 3.03 6.12 16.05
N CYS D 133 3.14 7.14 16.88
CA CYS D 133 3.61 8.45 16.45
C CYS D 133 4.96 8.80 17.08
N HIS D 134 5.07 8.78 18.40
CA HIS D 134 6.25 9.23 19.09
C HIS D 134 7.21 8.11 19.48
N ARG D 135 6.92 6.89 19.09
CA ARG D 135 7.83 5.79 19.40
C ARG D 135 9.07 5.83 18.52
N PRO D 136 10.26 5.62 19.08
CA PRO D 136 11.46 5.51 18.26
C PRO D 136 11.37 4.31 17.32
N THR D 137 11.75 4.54 16.06
CA THR D 137 11.54 3.52 15.03
C THR D 137 12.37 2.26 15.29
N HIS D 138 13.63 2.43 15.68
CA HIS D 138 14.53 1.31 15.89
C HIS D 138 14.55 0.83 17.33
N LEU D 139 13.49 1.08 18.09
CA LEU D 139 13.43 0.59 19.46
C LEU D 139 13.38 -0.93 19.50
N SER D 140 12.62 -1.54 18.60
CA SER D 140 12.50 -2.99 18.58
C SER D 140 13.82 -3.66 18.27
N ALA D 141 14.56 -3.11 17.30
CA ALA D 141 15.84 -3.72 16.91
C ALA D 141 16.84 -3.69 18.05
N VAL D 142 16.93 -2.58 18.76
CA VAL D 142 17.95 -2.44 19.81
C VAL D 142 17.62 -3.35 20.99
N VAL D 143 16.36 -3.37 21.43
CA VAL D 143 16.00 -4.15 22.61
C VAL D 143 16.19 -5.64 22.35
N CYS D 144 16.00 -6.08 21.11
CA CYS D 144 16.25 -7.47 20.78
C CYS D 144 17.73 -7.82 20.92
N VAL D 145 18.62 -6.87 20.64
CA VAL D 145 20.05 -7.14 20.79
C VAL D 145 20.42 -7.24 22.27
N LEU D 146 19.85 -6.37 23.11
CA LEU D 146 20.16 -6.42 24.53
C LEU D 146 19.75 -7.76 25.14
N LEU D 147 18.58 -8.26 24.77
CA LEU D 147 18.15 -9.57 25.29
C LEU D 147 19.07 -10.68 24.80
N TRP D 148 19.53 -10.58 23.55
CA TRP D 148 20.54 -11.52 23.06
C TRP D 148 21.82 -11.41 23.86
N ALA D 149 22.27 -10.19 24.15
CA ALA D 149 23.46 -10.01 24.96
C ALA D 149 23.26 -10.53 26.38
N LEU D 150 22.10 -10.24 26.97
CA LEU D 150 21.85 -10.67 28.34
C LEU D 150 21.85 -12.20 28.45
N SER D 151 21.29 -12.88 27.45
CA SER D 151 21.35 -14.34 27.44
C SER D 151 22.79 -14.83 27.32
N LEU D 152 23.66 -14.05 26.69
CA LEU D 152 25.06 -14.45 26.54
C LEU D 152 25.88 -14.13 27.78
N LEU D 153 25.57 -13.04 28.49
CA LEU D 153 26.22 -12.78 29.77
C LEU D 153 25.87 -13.86 30.79
N ARG D 154 24.63 -14.36 30.74
CA ARG D 154 24.22 -15.42 31.65
C ARG D 154 25.04 -16.69 31.43
N SER D 155 25.25 -17.06 30.16
CA SER D 155 25.97 -18.30 29.87
C SER D 155 27.41 -18.24 30.36
N ILE D 156 28.09 -17.12 30.15
CA ILE D 156 29.47 -16.99 30.61
C ILE D 156 29.54 -17.05 32.13
N LEU D 157 28.55 -16.48 32.81
CA LEU D 157 28.52 -16.56 34.27
C LEU D 157 28.28 -17.99 34.74
N GLU D 158 27.47 -18.75 34.00
CA GLU D 158 27.28 -20.16 34.33
C GLU D 158 28.55 -20.97 34.07
N TRP D 159 29.24 -20.69 32.97
CA TRP D 159 30.43 -21.45 32.63
C TRP D 159 31.61 -21.07 33.54
N MET D 160 31.81 -19.78 33.78
CA MET D 160 32.95 -19.36 34.59
C MET D 160 32.76 -19.75 36.06
N LEU D 161 31.60 -19.44 36.62
CA LEU D 161 31.37 -19.70 38.04
C LEU D 161 30.97 -21.14 38.32
N CYS D 162 30.84 -21.98 37.30
CA CYS D 162 30.49 -23.39 37.49
C CYS D 162 31.18 -24.18 36.38
N GLY D 163 32.36 -24.71 36.69
CA GLY D 163 33.12 -25.42 35.69
C GLY D 163 34.61 -25.35 35.90
N PHE D 164 35.35 -24.96 34.86
CA PHE D 164 36.81 -25.01 34.92
C PHE D 164 37.37 -23.90 35.81
N LEU D 165 36.82 -22.69 35.74
CA LEU D 165 37.40 -21.57 36.45
C LEU D 165 37.28 -21.71 37.96
N PHE D 166 36.39 -22.57 38.46
CA PHE D 166 36.30 -22.86 39.88
C PHE D 166 36.12 -24.34 40.12
N SER D 167 36.89 -25.17 39.40
CA SER D 167 36.78 -26.61 39.56
C SER D 167 37.35 -27.06 40.90
N GLY D 168 38.56 -26.59 41.23
CA GLY D 168 39.22 -26.98 42.46
C GLY D 168 39.00 -26.06 43.64
N ALA D 169 38.49 -24.85 43.41
CA ALA D 169 38.26 -23.92 44.51
C ALA D 169 37.21 -24.46 45.48
N ASP D 170 35.98 -24.63 45.02
CA ASP D 170 34.89 -25.12 45.85
C ASP D 170 33.72 -25.47 44.96
N SER D 171 32.79 -26.25 45.51
CA SER D 171 31.57 -26.64 44.82
C SER D 171 30.36 -25.85 45.27
N ALA D 172 30.56 -24.78 46.05
CA ALA D 172 29.46 -23.95 46.53
C ALA D 172 29.42 -22.58 45.86
N TRP D 173 30.25 -22.35 44.84
CA TRP D 173 30.14 -21.16 44.01
C TRP D 173 29.11 -21.32 42.92
N CYS D 174 28.86 -22.56 42.49
CA CYS D 174 27.92 -22.81 41.40
C CYS D 174 26.49 -22.54 41.81
N GLN D 175 26.15 -22.77 43.08
CA GLN D 175 24.78 -22.55 43.54
C GLN D 175 24.35 -21.10 43.37
N THR D 176 25.29 -20.17 43.30
CA THR D 176 24.93 -18.78 43.03
C THR D 176 24.49 -18.61 41.59
N SER D 177 25.15 -19.27 40.64
CA SER D 177 24.75 -19.19 39.24
C SER D 177 23.39 -19.84 39.04
N ASP D 178 23.07 -20.87 39.80
CA ASP D 178 21.74 -21.47 39.72
C ASP D 178 20.69 -20.60 40.39
N PHE D 179 21.09 -19.80 41.38
CA PHE D 179 20.14 -18.91 42.04
C PHE D 179 19.78 -17.74 41.15
N ILE D 180 20.76 -17.15 40.48
CA ILE D 180 20.50 -16.04 39.57
C ILE D 180 19.62 -16.50 38.43
N THR D 181 19.87 -17.72 37.93
CA THR D 181 19.10 -18.25 36.81
C THR D 181 17.64 -18.45 37.18
N VAL D 182 17.35 -18.98 38.36
CA VAL D 182 15.97 -19.12 38.80
C VAL D 182 15.36 -17.74 39.03
N ALA D 183 16.12 -16.80 39.59
CA ALA D 183 15.64 -15.44 39.73
C ALA D 183 15.36 -14.81 38.37
N TRP D 184 16.22 -15.07 37.39
CA TRP D 184 15.97 -14.59 36.04
C TRP D 184 14.71 -15.19 35.46
N LEU D 185 14.48 -16.48 35.70
CA LEU D 185 13.28 -17.13 35.18
C LEU D 185 12.02 -16.53 35.76
N ILE D 186 12.02 -16.27 37.07
CA ILE D 186 10.84 -15.74 37.72
C ILE D 186 10.56 -14.31 37.24
N PHE D 187 11.62 -13.54 36.97
CA PHE D 187 11.42 -12.18 36.48
C PHE D 187 10.71 -12.17 35.13
N LEU D 188 11.06 -13.10 34.25
CA LEU D 188 10.37 -13.16 32.96
C LEU D 188 8.92 -13.57 33.12
N CYS D 189 8.61 -14.36 34.14
CA CYS D 189 7.21 -14.72 34.41
C CYS D 189 6.45 -13.53 34.97
N VAL D 190 7.08 -12.76 35.88
CA VAL D 190 6.43 -11.59 36.44
C VAL D 190 6.14 -10.56 35.36
N VAL D 191 7.10 -10.36 34.46
CA VAL D 191 6.91 -9.38 33.39
C VAL D 191 5.78 -9.83 32.46
N LEU D 192 5.83 -11.09 32.02
CA LEU D 192 4.81 -11.58 31.09
C LEU D 192 3.42 -11.56 31.72
N CYS D 193 3.28 -12.15 32.91
CA CYS D 193 1.97 -12.23 33.53
C CYS D 193 1.45 -10.85 33.89
N GLY D 194 2.32 -9.98 34.40
CA GLY D 194 1.89 -8.63 34.72
C GLY D 194 1.49 -7.84 33.49
N SER D 195 2.30 -7.92 32.43
CA SER D 195 1.99 -7.16 31.22
C SER D 195 0.70 -7.64 30.58
N SER D 196 0.47 -8.95 30.56
CA SER D 196 -0.80 -9.45 30.03
C SER D 196 -1.97 -9.04 30.92
N LEU D 197 -1.75 -8.94 32.23
CA LEU D 197 -2.85 -8.58 33.13
C LEU D 197 -3.19 -7.10 33.02
N VAL D 198 -2.20 -6.23 32.92
CA VAL D 198 -2.46 -4.80 32.82
C VAL D 198 -3.24 -4.50 31.55
N LEU D 199 -2.94 -5.21 30.46
CA LEU D 199 -3.69 -5.02 29.23
C LEU D 199 -5.16 -5.40 29.42
N LEU D 200 -5.41 -6.52 30.13
CA LEU D 200 -6.78 -6.96 30.34
C LEU D 200 -7.55 -5.97 31.21
N ILE D 201 -6.92 -5.44 32.25
CA ILE D 201 -7.59 -4.48 33.11
C ILE D 201 -7.98 -3.23 32.32
N ARG D 202 -7.06 -2.75 31.47
CA ARG D 202 -7.34 -1.55 30.68
C ARG D 202 -8.51 -1.77 29.73
N ILE D 203 -8.58 -2.94 29.10
CA ILE D 203 -9.65 -3.19 28.15
C ILE D 203 -11.00 -3.24 28.84
N LEU D 204 -11.09 -3.96 29.95
CA LEU D 204 -12.35 -4.01 30.68
C LEU D 204 -12.71 -2.67 31.32
N CYS D 205 -11.70 -1.92 31.77
CA CYS D 205 -11.95 -0.59 32.32
C CYS D 205 -12.06 0.44 31.20
N LEU D 212 -14.51 -8.28 21.24
CA LEU D 212 -13.33 -8.44 22.08
C LEU D 212 -13.20 -9.88 22.61
N THR D 213 -13.40 -10.84 21.71
CA THR D 213 -13.30 -12.26 22.05
C THR D 213 -11.94 -12.85 21.73
N ARG D 214 -11.36 -12.52 20.57
CA ARG D 214 -10.03 -12.99 20.25
C ARG D 214 -8.99 -12.42 21.22
N LEU D 215 -9.30 -11.31 21.88
CA LEU D 215 -8.39 -10.77 22.88
C LEU D 215 -8.22 -11.73 24.04
N TYR D 216 -9.34 -12.21 24.61
CA TYR D 216 -9.27 -13.08 25.77
C TYR D 216 -8.60 -14.41 25.41
N VAL D 217 -8.93 -14.97 24.25
CA VAL D 217 -8.33 -16.24 23.85
C VAL D 217 -6.83 -16.09 23.64
N THR D 218 -6.41 -15.01 22.95
CA THR D 218 -5.00 -14.85 22.64
C THR D 218 -4.18 -14.58 23.90
N ILE D 219 -4.68 -13.72 24.79
CA ILE D 219 -3.92 -13.38 25.99
C ILE D 219 -3.79 -14.59 26.90
N LEU D 220 -4.89 -15.29 27.15
CA LEU D 220 -4.83 -16.47 28.00
C LEU D 220 -3.94 -17.55 27.37
N LEU D 221 -4.05 -17.74 26.05
CA LEU D 221 -3.23 -18.73 25.39
C LEU D 221 -1.75 -18.40 25.51
N THR D 222 -1.40 -17.14 25.30
CA THR D 222 0.01 -16.74 25.39
C THR D 222 0.55 -16.80 26.81
N VAL D 223 -0.32 -16.88 27.81
CA VAL D 223 0.12 -16.99 29.20
C VAL D 223 0.18 -18.44 29.66
N LEU D 224 -0.87 -19.21 29.40
CA LEU D 224 -0.87 -20.62 29.81
C LEU D 224 0.19 -21.41 29.05
N VAL D 225 0.35 -21.17 27.76
CA VAL D 225 1.35 -21.89 26.99
C VAL D 225 2.74 -21.57 27.49
N PHE D 226 2.99 -20.33 27.90
CA PHE D 226 4.28 -19.98 28.46
C PHE D 226 4.49 -20.64 29.81
N LEU D 227 3.49 -20.54 30.69
CA LEU D 227 3.68 -20.93 32.08
C LEU D 227 3.85 -22.43 32.24
N LEU D 228 3.18 -23.23 31.41
CA LEU D 228 3.22 -24.68 31.58
C LEU D 228 3.73 -25.42 30.34
N CYS D 229 4.36 -24.73 29.42
CA CYS D 229 5.09 -25.48 28.39
C CYS D 229 6.55 -25.09 28.27
N GLY D 230 6.87 -23.80 28.34
CA GLY D 230 8.26 -23.39 28.24
C GLY D 230 8.88 -23.08 29.58
N LEU D 231 8.06 -22.56 30.49
CA LEU D 231 8.53 -22.31 31.86
C LEU D 231 8.94 -23.56 32.62
N PRO D 232 8.20 -24.69 32.60
CA PRO D 232 8.55 -25.77 33.53
C PRO D 232 9.93 -26.34 33.34
N PHE D 233 10.47 -26.31 32.12
CA PHE D 233 11.89 -26.59 31.94
C PHE D 233 12.69 -25.35 32.33
N GLY D 234 13.85 -25.57 32.95
CA GLY D 234 14.61 -24.47 33.48
C GLY D 234 14.29 -24.21 34.94
N ILE D 235 13.00 -24.12 35.27
CA ILE D 235 12.64 -24.00 36.67
C ILE D 235 12.72 -25.35 37.38
N GLN D 236 12.70 -26.44 36.63
CA GLN D 236 12.91 -27.77 37.20
C GLN D 236 14.35 -28.25 37.07
N PHE D 237 15.07 -27.80 36.04
CA PHE D 237 16.45 -28.21 35.87
C PHE D 237 17.38 -27.46 36.82
N PHE D 238 17.09 -26.20 37.09
CA PHE D 238 17.98 -25.38 37.88
C PHE D 238 17.66 -25.38 39.37
N LEU D 239 16.38 -25.51 39.72
CA LEU D 239 16.03 -25.61 41.14
C LEU D 239 16.51 -26.93 41.74
N PHE D 240 16.62 -27.97 40.93
CA PHE D 240 17.01 -29.28 41.42
C PHE D 240 18.52 -29.47 41.48
N LEU D 241 19.30 -28.49 41.06
CA LEU D 241 20.73 -28.43 41.37
C LEU D 241 21.01 -27.55 42.57
N TRP D 242 20.31 -26.43 42.70
CA TRP D 242 20.39 -25.59 43.89
C TRP D 242 19.83 -26.29 45.13
N ILE D 243 18.98 -27.30 44.94
CA ILE D 243 18.33 -27.98 46.05
C ILE D 243 18.53 -29.48 45.89
N HIS D 244 17.92 -30.27 46.78
CA HIS D 244 18.03 -31.71 46.76
C HIS D 244 16.64 -32.33 46.69
N VAL D 245 16.53 -33.43 45.96
CA VAL D 245 15.24 -34.11 45.78
C VAL D 245 15.53 -35.57 45.43
N ASP D 246 14.53 -36.41 45.61
CA ASP D 246 14.67 -37.83 45.30
C ASP D 246 14.81 -38.05 43.80
N ARG D 247 15.71 -38.96 43.43
CA ARG D 247 15.98 -39.26 42.03
C ARG D 247 15.01 -40.28 41.43
N GLU D 248 14.15 -40.88 42.26
CA GLU D 248 13.18 -41.85 41.73
C GLU D 248 12.20 -41.18 40.78
N VAL D 249 11.71 -39.99 41.14
CA VAL D 249 10.77 -39.25 40.31
C VAL D 249 11.42 -38.10 39.55
N LEU D 250 12.66 -37.75 39.89
CA LEU D 250 13.34 -36.63 39.23
C LEU D 250 13.44 -36.82 37.73
N PHE D 251 13.52 -38.07 37.28
CA PHE D 251 13.71 -38.39 35.87
C PHE D 251 12.48 -39.05 35.25
N CYS D 252 11.90 -40.06 35.91
CA CYS D 252 10.76 -40.77 35.36
C CYS D 252 9.49 -39.94 35.34
N HIS D 253 9.48 -38.78 35.99
CA HIS D 253 8.24 -38.00 36.04
C HIS D 253 8.41 -36.54 35.63
N VAL D 254 9.51 -35.90 35.99
CA VAL D 254 9.59 -34.44 35.84
C VAL D 254 10.81 -34.02 35.04
N HIS D 255 11.41 -34.95 34.31
CA HIS D 255 12.46 -34.58 33.36
C HIS D 255 12.09 -34.92 31.94
N LEU D 256 11.65 -36.15 31.69
CA LEU D 256 11.17 -36.51 30.36
C LEU D 256 9.96 -35.68 29.98
N VAL D 257 9.03 -35.48 30.92
CA VAL D 257 7.83 -34.71 30.62
C VAL D 257 8.17 -33.24 30.44
N SER D 258 9.02 -32.70 31.31
CA SER D 258 9.37 -31.28 31.22
C SER D 258 10.09 -30.96 29.93
N ILE D 259 11.00 -31.84 29.50
CA ILE D 259 11.73 -31.58 28.27
C ILE D 259 10.84 -31.73 27.05
N PHE D 260 9.73 -32.47 27.19
CA PHE D 260 8.78 -32.60 26.09
C PHE D 260 7.90 -31.38 25.98
N LEU D 261 7.32 -30.94 27.11
CA LEU D 261 6.51 -29.72 27.09
C LEU D 261 7.35 -28.53 26.65
N SER D 262 8.64 -28.55 26.94
CA SER D 262 9.53 -27.49 26.45
C SER D 262 9.57 -27.46 24.94
N ALA D 263 9.60 -28.62 24.30
CA ALA D 263 9.57 -28.70 22.85
C ALA D 263 8.20 -28.40 22.28
N LEU D 264 7.16 -28.33 23.12
CA LEU D 264 5.84 -27.96 22.64
C LEU D 264 5.61 -26.45 22.63
N ASN D 265 6.21 -25.73 23.56
CA ASN D 265 6.10 -24.27 23.55
C ASN D 265 6.81 -23.68 22.34
N SER D 266 8.07 -24.08 22.13
CA SER D 266 8.88 -23.46 21.10
C SER D 266 8.45 -23.86 19.69
N SER D 267 7.54 -24.82 19.56
CA SER D 267 6.99 -25.17 18.26
C SER D 267 5.67 -24.46 17.98
N ALA D 268 4.86 -24.23 19.01
CA ALA D 268 3.58 -23.57 18.84
C ALA D 268 3.70 -22.05 18.79
N ASN D 269 4.85 -21.50 19.14
CA ASN D 269 5.02 -20.05 19.08
C ASN D 269 4.85 -19.50 17.67
N PRO D 270 5.44 -20.07 16.62
CA PRO D 270 5.14 -19.57 15.26
C PRO D 270 3.68 -19.65 14.91
N ILE D 271 2.98 -20.68 15.37
CA ILE D 271 1.54 -20.77 15.11
C ILE D 271 0.79 -19.71 15.89
N ILE D 272 1.09 -19.58 17.19
CA ILE D 272 0.31 -18.69 18.05
C ILE D 272 0.52 -17.24 17.66
N TYR D 273 1.75 -16.86 17.36
CA TYR D 273 2.11 -15.45 17.24
C TYR D 273 2.14 -14.93 15.81
N PHE D 274 2.40 -15.78 14.82
CA PHE D 274 2.48 -15.32 13.44
C PHE D 274 1.43 -15.95 12.53
N PHE D 275 1.32 -17.28 12.53
CA PHE D 275 0.49 -17.96 11.54
C PHE D 275 -0.99 -17.86 11.82
N VAL D 276 -1.40 -17.34 12.98
CA VAL D 276 -2.82 -17.08 13.21
C VAL D 276 -3.34 -16.05 12.22
N GLY D 277 -2.53 -15.05 11.91
CA GLY D 277 -2.91 -14.06 10.93
C GLY D 277 -3.04 -14.60 9.52
N SER D 278 -2.45 -15.76 9.26
CA SER D 278 -2.56 -16.40 7.95
C SER D 278 -3.84 -17.21 7.79
N PHE D 279 -4.65 -17.32 8.83
CA PHE D 279 -5.91 -18.04 8.75
C PHE D 279 -6.98 -17.34 9.57
C1 U2U E . 28.42 -25.94 30.76
C10 U2U E . 23.96 -31.63 29.70
C11 U2U E . 23.52 -32.04 30.95
C12 U2U E . 24.29 -31.72 32.06
C13 U2U E . 25.47 -31.01 31.94
C14 U2U E . 25.89 -29.55 33.77
C15 U2U E . 25.33 -28.48 33.07
C16 U2U E . 25.01 -27.34 33.74
C17 U2U E . 25.21 -27.24 35.14
C18 U2U E . 25.75 -28.33 35.83
C19 U2U E . 26.09 -29.51 35.12
C2 U2U E . 28.82 -27.74 32.26
C20 U2U E . 25.94 -28.22 37.23
C21 U2U E . 25.58 -27.06 37.84
C22 U2U E . 24.86 -26.06 35.88
C23 U2U E . 22.24 -32.82 31.10
C3 U2U E . 29.10 -26.87 33.31
C4 U2U E . 29.48 -27.37 34.54
C5 U2U E . 29.56 -28.73 34.75
C6 U2U E . 29.28 -29.61 33.72
C7 U2U E . 28.90 -29.13 32.47
C8 U2U E . 25.90 -30.62 30.67
C9 U2U E . 25.13 -30.92 29.55
N1 U2U E . 27.11 -29.86 30.56
N2 U2U E . 25.06 -26.00 37.20
N3 U2U E . 24.34 -24.98 35.29
O1 U2U E . 28.45 -27.34 31.02
O2 U2U E . 28.43 -31.56 31.75
O3 U2U E . 29.52 -30.05 30.13
O4 U2U E . 26.21 -30.70 33.06
S1 U2U E . 28.57 -30.26 31.17
#